data_7KJW
#
_entry.id   7KJW
#
_cell.length_a   1.00
_cell.length_b   1.00
_cell.length_c   1.00
_cell.angle_alpha   90.00
_cell.angle_beta   90.00
_cell.angle_gamma   90.00
#
_symmetry.space_group_name_H-M   'P 1'
#
loop_
_entity.id
_entity.type
_entity.pdbx_description
1 polymer 'Reverse transcriptase/ribonuclease H'
2 polymer 'reverse transcriptase p51 subunit'
3 polymer 'HIV-1 viral RNA fragment'
4 polymer 'tRNA lysine 3 fragment with GNRA tetraloop'
5 non-polymer 'MAGNESIUM ION'
6 non-polymer (-)-6-CHLORO-4-CYCLOPROPYLETHYNYL-4-TRIFLUOROMETHYL-1,4-DIHYDRO-2H-3,1-BENZOXAZIN-2-ONE
#
loop_
_entity_poly.entity_id
_entity_poly.type
_entity_poly.pdbx_seq_one_letter_code
_entity_poly.pdbx_strand_id
1 'polypeptide(L)'
;MVPISPIETVPVKLKPGMDGPKVKQWPLTEEKIKALVEICTEMEKEGKISKIGPENPYNTPVFAIKKKDSTKWRKLVDFR
ELNKRTQDFWEVQLGIPHPAGLKKKKSVTVLDVGDAYFSVPLDEDFRKYTAFTIPSINNETPGIRYQYNVLPQGWKGSPA
IFQSSMTKILEPFKKQNPDIVIYQYMDDLYVGSDLEIGQHRTKIEELRQHLLRWGLTTPDKKHQKEPPFLWMGYELHPDK
WTVQPIVLPEKDSWTVNDICKLVGKLNWASQIYPGIKVRQLSKLLRGTKALTEVIPLTEEAELELAENREILKEPVHGVY
YDPSKDLIAEIQKQGQGQWTYQIYQEPFKNLKTGKYARMRGAHTNDVKQLTEAVQKITTESIVIWGKTPKFKLPIQKETW
ETWWTEYWQATWIPEWEFVNTPPLVKLWYQLEKEPIVGAETFYVDGAANRETKLGKAGYVTNKGRQKVVPLTNTTNQKTQ
LQAIYLALQDSGLEVNIVTDSQYALGIIQAQPDKSESELVNQIIEQLIKKEKVYLAWVPAHKGIGGNEQVDKLVSAGIRK
IL
;
A
2 'polypeptide(L)'
;MVPISPIETVPVKLKPGMDGPKVKQWPLTEEKIKALVEICTEMEKEGKISKIGPENPYNTPVFAIKKKDSTKWRKLVDFR
ELNKRTQDFWEVQLGIPHPAGLKKKKSVTVLDVGDAYFSVPLDEDFRKYTAFTIPSINNETPGIRYQYNVLPQGWKGSPA
IFQSSMTKILEPFKKQNPDIVIYQYMDDLYVGSDLEIGQHRTKIEELRQHLLRWGLTTPDKKHQKEPPFLWMGYELHPDK
WTVQPIVLPEKDSWTVNDIQKLVGKLNWASQIYPGIKVRQLSKLLRGTKALTEVIPLTEEAELELAENREILKEPVHGVY
YDPSKDLIAEIQKQGQGQWTYQIYQEPFKNLKTGKYARMRGAHTNDVKQLTEAVQKITTESIVIWGKTPKFKLPIQKETW
ETWWTEYWQATWIPEWEFVNTPPLVKLWYQLEKEPIVGAETF
;
B
3 'polyribonucleotide' GCAGUGGCGCCCGAACAGGGACUUGA C
4 'polydeoxyribonucleotide/polyribonucleotide hybrid' GCCCGGGAAACCAGGGUUCAAGUCCCUGUUCGG(G47)CGCCA D
#
loop_
_chem_comp.id
_chem_comp.type
_chem_comp.name
_chem_comp.formula
A RNA linking ADENOSINE-5'-MONOPHOSPHATE 'C10 H14 N5 O7 P'
C RNA linking CYTIDINE-5'-MONOPHOSPHATE 'C9 H14 N3 O8 P'
EFZ non-polymer (-)-6-CHLORO-4-CYCLOPROPYLETHYNYL-4-TRIFLUOROMETHYL-1,4-DIHYDRO-2H-3,1-BENZOXAZIN-2-ONE 'C14 H9 Cl F3 N O2'
G RNA linking GUANOSINE-5'-MONOPHOSPHATE 'C10 H14 N5 O8 P'
G47 DNA linking N2-ETHANETHIOL-2'-DEOXY-GUANOSINE-5'-MONOPHOSPHATE 'C12 H18 N5 O7 P S'
MG non-polymer 'MAGNESIUM ION' 'Mg 2'
U RNA linking URIDINE-5'-MONOPHOSPHATE 'C9 H13 N2 O9 P'
#
# COMPACT_ATOMS: atom_id res chain seq x y z
N PRO A 6 -6.16 14.46 -39.88
CA PRO A 6 -4.79 14.87 -39.51
C PRO A 6 -4.37 14.35 -38.14
N ILE A 7 -5.09 13.35 -37.63
CA ILE A 7 -4.78 12.76 -36.34
C ILE A 7 -3.69 11.72 -36.52
N GLU A 8 -2.63 11.83 -35.71
CA GLU A 8 -1.52 10.90 -35.81
C GLU A 8 -1.93 9.54 -35.25
N THR A 9 -1.80 8.50 -36.06
CA THR A 9 -2.16 7.16 -35.64
C THR A 9 -1.22 6.66 -34.56
N VAL A 10 -1.74 5.80 -33.68
CA VAL A 10 -0.97 5.20 -32.60
C VAL A 10 -0.55 3.81 -33.07
N PRO A 11 0.74 3.54 -33.27
CA PRO A 11 1.16 2.19 -33.70
C PRO A 11 0.64 1.13 -32.76
N VAL A 12 0.08 0.06 -33.33
CA VAL A 12 -0.44 -1.06 -32.58
C VAL A 12 0.10 -2.34 -33.19
N LYS A 13 0.20 -3.38 -32.36
CA LYS A 13 0.68 -4.68 -32.82
C LYS A 13 0.14 -5.75 -31.88
N LEU A 14 0.18 -6.99 -32.35
CA LEU A 14 -0.34 -8.11 -31.58
C LEU A 14 0.70 -8.59 -30.57
N LYS A 15 0.23 -9.42 -29.64
CA LYS A 15 1.13 -9.98 -28.64
C LYS A 15 2.14 -10.90 -29.33
N PRO A 16 3.32 -11.10 -28.72
CA PRO A 16 4.35 -11.91 -29.38
C PRO A 16 3.83 -13.32 -29.68
N GLY A 17 4.16 -13.80 -30.87
CA GLY A 17 3.80 -15.14 -31.28
C GLY A 17 2.38 -15.33 -31.73
N MET A 18 1.58 -14.26 -31.80
CA MET A 18 0.18 -14.34 -32.17
C MET A 18 -0.05 -13.68 -33.52
N ASP A 19 -1.17 -14.04 -34.14
CA ASP A 19 -1.56 -13.50 -35.44
C ASP A 19 -3.03 -13.13 -35.40
N GLY A 20 -3.44 -12.29 -36.34
CA GLY A 20 -4.79 -11.77 -36.38
C GLY A 20 -5.82 -12.89 -36.38
N PRO A 21 -6.95 -12.67 -35.69
CA PRO A 21 -7.93 -13.75 -35.55
C PRO A 21 -8.52 -14.15 -36.90
N LYS A 22 -8.84 -15.44 -37.01
CA LYS A 22 -9.49 -16.02 -38.19
C LYS A 22 -10.71 -16.78 -37.69
N VAL A 23 -11.83 -16.09 -37.54
CA VAL A 23 -13.05 -16.67 -37.01
C VAL A 23 -14.06 -16.80 -38.14
N LYS A 24 -14.98 -17.75 -37.98
CA LYS A 24 -16.02 -18.00 -38.97
C LYS A 24 -17.17 -17.02 -38.76
N GLN A 25 -17.74 -16.47 -39.84
CA GLN A 25 -18.87 -15.55 -39.68
C GLN A 25 -20.17 -16.35 -39.49
N TRP A 26 -21.03 -15.92 -38.56
CA TRP A 26 -22.29 -16.61 -38.32
C TRP A 26 -23.36 -16.21 -39.35
N PRO A 27 -23.96 -17.20 -40.05
CA PRO A 27 -24.99 -16.86 -41.05
C PRO A 27 -26.12 -15.98 -40.50
N LEU A 28 -26.10 -14.69 -40.83
CA LEU A 28 -27.13 -13.76 -40.37
C LEU A 28 -28.48 -13.99 -41.06
N THR A 29 -29.53 -13.47 -40.44
CA THR A 29 -30.89 -13.61 -40.96
C THR A 29 -31.22 -12.44 -41.90
N GLU A 30 -32.29 -12.57 -42.67
CA GLU A 30 -32.73 -11.55 -43.62
C GLU A 30 -32.81 -10.13 -43.04
N GLU A 31 -33.35 -9.99 -41.83
CA GLU A 31 -33.48 -8.68 -41.20
C GLU A 31 -32.16 -8.11 -40.67
N LYS A 32 -31.16 -8.98 -40.49
CA LYS A 32 -29.86 -8.54 -39.99
C LYS A 32 -28.90 -8.21 -41.14
N ILE A 33 -28.87 -9.08 -42.14
CA ILE A 33 -28.01 -8.88 -43.30
C ILE A 33 -28.40 -7.61 -44.04
N LYS A 34 -29.70 -7.38 -44.21
CA LYS A 34 -30.16 -6.19 -44.92
C LYS A 34 -29.73 -4.92 -44.21
N ALA A 35 -29.83 -4.90 -42.87
CA ALA A 35 -29.45 -3.72 -42.12
C ALA A 35 -27.93 -3.55 -42.11
N LEU A 36 -27.19 -4.63 -41.91
CA LEU A 36 -25.73 -4.52 -41.80
C LEU A 36 -25.11 -3.95 -43.07
N VAL A 37 -25.55 -4.43 -44.23
CA VAL A 37 -25.00 -3.91 -45.48
C VAL A 37 -25.30 -2.41 -45.61
N GLU A 38 -26.47 -1.98 -45.15
CA GLU A 38 -26.79 -0.56 -45.17
C GLU A 38 -25.82 0.24 -44.30
N ILE A 39 -25.51 -0.28 -43.10
CA ILE A 39 -24.56 0.40 -42.23
C ILE A 39 -23.18 0.41 -42.87
N CYS A 40 -22.73 -0.74 -43.39
CA CYS A 40 -21.40 -0.83 -43.95
C CYS A 40 -21.24 0.11 -45.14
N THR A 41 -22.26 0.18 -46.00
CA THR A 41 -22.18 1.08 -47.14
C THR A 41 -22.07 2.53 -46.69
N GLU A 42 -22.85 2.92 -45.67
CA GLU A 42 -22.79 4.29 -45.18
C GLU A 42 -21.43 4.61 -44.60
N MET A 43 -20.89 3.73 -43.75
CA MET A 43 -19.57 3.98 -43.17
C MET A 43 -18.48 3.96 -44.24
N GLU A 44 -18.59 3.07 -45.22
CA GLU A 44 -17.60 3.01 -46.27
C GLU A 44 -17.55 4.31 -47.06
N LYS A 45 -18.71 4.88 -47.39
CA LYS A 45 -18.74 6.15 -48.10
C LYS A 45 -18.10 7.26 -47.27
N GLU A 46 -18.17 7.15 -45.94
CA GLU A 46 -17.58 8.13 -45.04
C GLU A 46 -16.11 7.86 -44.76
N GLY A 47 -15.54 6.79 -45.32
CA GLY A 47 -14.13 6.50 -45.15
C GLY A 47 -13.78 5.71 -43.91
N LYS A 48 -14.75 5.40 -43.06
CA LYS A 48 -14.47 4.64 -41.85
C LYS A 48 -14.24 3.16 -42.12
N ILE A 49 -14.50 2.70 -43.35
CA ILE A 49 -14.29 1.31 -43.72
C ILE A 49 -13.79 1.25 -45.16
N SER A 50 -12.93 0.28 -45.43
CA SER A 50 -12.39 0.05 -46.76
C SER A 50 -12.50 -1.43 -47.09
N LYS A 51 -12.54 -1.73 -48.40
CA LYS A 51 -12.75 -3.09 -48.88
C LYS A 51 -11.40 -3.75 -49.13
N ILE A 52 -11.07 -4.74 -48.30
CA ILE A 52 -9.88 -5.56 -48.48
C ILE A 52 -10.34 -7.01 -48.38
N GLY A 53 -10.67 -7.62 -49.51
CA GLY A 53 -11.19 -8.96 -49.55
C GLY A 53 -10.12 -10.03 -49.66
N PRO A 54 -9.31 -9.98 -50.72
CA PRO A 54 -8.36 -11.07 -50.98
C PRO A 54 -7.08 -10.97 -50.16
N GLU A 55 -6.63 -9.75 -49.86
CA GLU A 55 -5.35 -9.53 -49.21
C GLU A 55 -5.44 -9.56 -47.69
N ASN A 56 -6.62 -9.82 -47.13
CA ASN A 56 -6.83 -9.84 -45.68
C ASN A 56 -7.51 -11.14 -45.29
N PRO A 57 -6.73 -12.23 -45.13
CA PRO A 57 -7.30 -13.53 -44.73
C PRO A 57 -7.63 -13.61 -43.24
N TYR A 58 -8.39 -12.62 -42.76
CA TYR A 58 -8.83 -12.57 -41.37
C TYR A 58 -10.33 -12.33 -41.32
N ASN A 59 -10.93 -12.69 -40.20
CA ASN A 59 -12.36 -12.53 -40.03
C ASN A 59 -12.69 -12.36 -38.55
N THR A 60 -13.80 -11.71 -38.28
CA THR A 60 -14.32 -11.51 -36.94
C THR A 60 -15.83 -11.65 -36.98
N PRO A 61 -16.46 -11.98 -35.86
CA PRO A 61 -17.93 -12.11 -35.85
C PRO A 61 -18.59 -10.74 -35.96
N VAL A 62 -19.44 -10.60 -36.98
CA VAL A 62 -20.17 -9.36 -37.24
C VAL A 62 -21.66 -9.64 -37.14
N PHE A 63 -22.37 -8.84 -36.35
CA PHE A 63 -23.79 -9.03 -36.16
C PHE A 63 -24.42 -7.70 -35.76
N ALA A 64 -25.73 -7.62 -35.93
CA ALA A 64 -26.51 -6.43 -35.58
C ALA A 64 -27.29 -6.72 -34.31
N ILE A 65 -27.16 -5.83 -33.32
CA ILE A 65 -27.82 -5.99 -32.04
C ILE A 65 -28.40 -4.66 -31.58
N LYS A 72 -32.73 2.54 -35.18
CA LYS A 72 -32.48 1.53 -36.19
C LYS A 72 -31.45 0.52 -35.72
N TRP A 73 -31.12 -0.43 -36.58
CA TRP A 73 -30.14 -1.45 -36.22
C TRP A 73 -28.77 -0.82 -36.01
N ARG A 74 -28.05 -1.30 -35.00
CA ARG A 74 -26.71 -0.82 -34.69
C ARG A 74 -25.73 -1.98 -34.81
N LYS A 75 -24.67 -1.77 -35.57
CA LYS A 75 -23.66 -2.80 -35.75
C LYS A 75 -22.88 -3.01 -34.47
N LEU A 76 -22.59 -4.27 -34.16
CA LEU A 76 -21.78 -4.61 -32.99
C LEU A 76 -20.98 -5.86 -33.32
N VAL A 77 -19.66 -5.72 -33.39
CA VAL A 77 -18.76 -6.82 -33.69
C VAL A 77 -18.06 -7.23 -32.40
N ASP A 78 -17.90 -8.53 -32.21
CA ASP A 78 -17.30 -8.96 -31.00
C ASP A 78 -15.92 -9.20 -31.23
N PHE A 79 -15.12 -8.49 -30.45
CA PHE A 79 -13.69 -8.53 -30.65
C PHE A 79 -12.97 -9.38 -29.60
N ARG A 80 -13.61 -10.44 -29.09
CA ARG A 80 -12.96 -11.29 -28.10
C ARG A 80 -11.64 -11.83 -28.63
N GLU A 81 -11.64 -12.37 -29.85
CA GLU A 81 -10.43 -12.95 -30.41
C GLU A 81 -9.34 -11.89 -30.56
N LEU A 82 -9.70 -10.71 -31.08
CA LEU A 82 -8.71 -9.65 -31.27
C LEU A 82 -8.35 -8.96 -29.96
N ASN A 83 -9.29 -8.91 -29.01
CA ASN A 83 -9.00 -8.23 -27.74
C ASN A 83 -7.92 -8.95 -26.95
N LYS A 84 -7.86 -10.28 -27.04
CA LYS A 84 -6.87 -11.06 -26.30
C LYS A 84 -5.59 -11.31 -27.10
N ARG A 85 -5.50 -10.80 -28.33
CA ARG A 85 -4.31 -10.94 -29.15
C ARG A 85 -3.56 -9.64 -29.37
N THR A 86 -4.19 -8.49 -29.14
CA THR A 86 -3.51 -7.22 -29.32
C THR A 86 -2.60 -6.94 -28.14
N GLN A 87 -1.61 -6.08 -28.39
CA GLN A 87 -0.67 -5.71 -27.34
C GLN A 87 -1.42 -5.03 -26.19
N ASP A 88 -0.97 -5.31 -24.97
CA ASP A 88 -1.58 -4.67 -23.80
C ASP A 88 -1.36 -3.17 -23.85
N PHE A 89 -2.40 -2.42 -23.51
CA PHE A 89 -2.33 -0.97 -23.43
C PHE A 89 -2.33 -0.54 -21.97
N TRP A 90 -1.92 0.70 -21.74
CA TRP A 90 -1.92 1.30 -20.40
C TRP A 90 -3.09 2.27 -20.32
N GLU A 91 -4.13 1.89 -19.60
CA GLU A 91 -5.25 2.80 -19.36
C GLU A 91 -4.81 3.88 -18.40
N VAL A 92 -4.36 5.02 -18.93
CA VAL A 92 -3.75 6.05 -18.10
C VAL A 92 -4.73 6.53 -17.04
N GLN A 93 -5.99 6.78 -17.45
CA GLN A 93 -7.04 7.22 -16.53
C GLN A 93 -7.99 6.04 -16.31
N LEU A 94 -7.72 5.26 -15.27
CA LEU A 94 -8.57 4.13 -14.91
C LEU A 94 -9.72 4.56 -14.01
N GLY A 95 -9.42 5.35 -12.97
CA GLY A 95 -10.45 5.86 -12.09
C GLY A 95 -11.16 7.07 -12.69
N ILE A 96 -12.09 7.60 -11.91
CA ILE A 96 -12.89 8.75 -12.33
C ILE A 96 -12.80 9.83 -11.27
N PRO A 97 -12.98 11.11 -11.64
CA PRO A 97 -12.90 12.17 -10.63
C PRO A 97 -14.14 12.18 -9.73
N HIS A 98 -13.91 12.14 -8.42
CA HIS A 98 -15.01 12.33 -7.50
C HIS A 98 -15.49 13.78 -7.58
N PRO A 99 -16.80 14.01 -7.59
CA PRO A 99 -17.28 15.41 -7.70
C PRO A 99 -16.77 16.30 -6.58
N ALA A 100 -16.54 15.74 -5.39
CA ALA A 100 -15.98 16.54 -4.30
C ALA A 100 -14.64 17.13 -4.68
N GLY A 101 -13.85 16.40 -5.48
CA GLY A 101 -12.56 16.91 -5.91
C GLY A 101 -12.65 18.02 -6.95
N LEU A 102 -13.76 18.10 -7.67
CA LEU A 102 -13.94 19.17 -8.64
C LEU A 102 -14.01 20.52 -7.95
N LYS A 103 -14.05 21.58 -8.74
CA LYS A 103 -14.07 22.94 -8.24
C LYS A 103 -15.24 23.69 -8.84
N LYS A 104 -15.76 24.65 -8.07
CA LYS A 104 -16.91 25.41 -8.51
C LYS A 104 -16.62 26.13 -9.82
N LYS A 105 -17.55 26.02 -10.77
CA LYS A 105 -17.44 26.69 -12.06
C LYS A 105 -18.70 27.49 -12.31
N LYS A 106 -18.52 28.74 -12.77
CA LYS A 106 -19.67 29.58 -13.06
C LYS A 106 -20.54 28.99 -14.17
N SER A 107 -19.90 28.47 -15.22
CA SER A 107 -20.60 27.87 -16.33
C SER A 107 -19.91 26.56 -16.71
N VAL A 108 -20.72 25.55 -17.01
CA VAL A 108 -20.23 24.23 -17.42
C VAL A 108 -21.10 23.72 -18.55
N THR A 109 -20.49 23.09 -19.54
CA THR A 109 -21.19 22.49 -20.66
C THR A 109 -20.62 21.10 -20.93
N VAL A 110 -21.46 20.24 -21.49
CA VAL A 110 -21.07 18.88 -21.83
C VAL A 110 -21.17 18.73 -23.35
N LEU A 111 -20.06 18.35 -23.97
CA LEU A 111 -20.01 18.12 -25.42
C LEU A 111 -19.92 16.62 -25.65
N ASP A 112 -21.00 16.04 -26.16
CA ASP A 112 -21.01 14.61 -26.50
C ASP A 112 -20.35 14.45 -27.86
N VAL A 113 -19.17 13.85 -27.89
CA VAL A 113 -18.38 13.76 -29.11
C VAL A 113 -19.03 12.74 -30.03
N GLY A 114 -19.81 13.20 -31.01
CA GLY A 114 -20.44 12.33 -31.96
C GLY A 114 -19.43 11.52 -32.75
N ASP A 115 -19.62 10.21 -32.82
CA ASP A 115 -18.66 9.31 -33.45
C ASP A 115 -17.26 9.53 -32.86
N ALA A 116 -17.18 9.31 -31.55
CA ALA A 116 -15.94 9.56 -30.82
C ALA A 116 -14.80 8.73 -31.38
N TYR A 117 -14.91 7.40 -31.27
CA TYR A 117 -13.82 6.53 -31.70
C TYR A 117 -13.68 6.52 -33.22
N PHE A 118 -14.78 6.73 -33.95
CA PHE A 118 -14.79 6.66 -35.39
C PHE A 118 -14.16 7.88 -36.06
N SER A 119 -13.61 8.81 -35.29
CA SER A 119 -12.92 9.96 -35.84
C SER A 119 -11.41 9.87 -35.70
N VAL A 120 -10.90 8.83 -35.06
CA VAL A 120 -9.47 8.63 -34.86
C VAL A 120 -9.01 7.50 -35.77
N PRO A 121 -8.12 7.75 -36.72
CA PRO A 121 -7.71 6.68 -37.64
C PRO A 121 -6.98 5.56 -36.91
N LEU A 122 -7.10 4.35 -37.46
CA LEU A 122 -6.44 3.18 -36.92
C LEU A 122 -5.09 2.98 -37.60
N ASP A 123 -4.19 2.30 -36.89
CA ASP A 123 -2.85 2.07 -37.43
C ASP A 123 -2.92 1.35 -38.76
N GLU A 124 -2.17 1.86 -39.75
CA GLU A 124 -2.25 1.31 -41.09
C GLU A 124 -1.87 -0.16 -41.11
N ASP A 125 -0.89 -0.55 -40.30
CA ASP A 125 -0.44 -1.93 -40.26
C ASP A 125 -1.38 -2.83 -39.46
N PHE A 126 -2.40 -2.27 -38.81
CA PHE A 126 -3.32 -3.03 -37.98
C PHE A 126 -4.72 -3.13 -38.57
N ARG A 127 -5.06 -2.29 -39.56
CA ARG A 127 -6.41 -2.30 -40.10
C ARG A 127 -6.78 -3.66 -40.66
N LYS A 128 -5.83 -4.33 -41.32
CA LYS A 128 -6.13 -5.61 -41.96
C LYS A 128 -6.56 -6.68 -40.98
N TYR A 129 -6.18 -6.55 -39.70
CA TYR A 129 -6.57 -7.55 -38.72
C TYR A 129 -8.02 -7.41 -38.27
N THR A 130 -8.62 -6.24 -38.45
CA THR A 130 -10.02 -6.02 -38.10
C THR A 130 -10.94 -6.26 -39.30
N ALA A 131 -10.81 -7.42 -39.93
CA ALA A 131 -11.56 -7.72 -41.14
C ALA A 131 -12.99 -8.10 -40.81
N PHE A 132 -13.85 -7.97 -41.81
CA PHE A 132 -15.28 -8.28 -41.70
C PHE A 132 -15.65 -9.36 -42.69
N THR A 133 -16.88 -9.85 -42.56
CA THR A 133 -17.44 -10.79 -43.52
C THR A 133 -18.95 -10.82 -43.32
N ILE A 134 -19.70 -10.52 -44.38
CA ILE A 134 -21.15 -10.51 -44.36
C ILE A 134 -21.63 -11.45 -45.44
N PRO A 135 -22.54 -12.40 -45.16
CA PRO A 135 -22.98 -13.34 -46.20
C PRO A 135 -23.89 -12.68 -47.23
N SER A 136 -24.41 -13.48 -48.16
CA SER A 136 -25.30 -12.97 -49.19
C SER A 136 -26.76 -13.21 -48.79
N GLY A 143 -20.04 -13.37 -50.12
CA GLY A 143 -20.10 -12.32 -49.12
C GLY A 143 -19.24 -11.13 -49.47
N ILE A 144 -19.13 -10.18 -48.54
CA ILE A 144 -18.34 -8.97 -48.73
C ILE A 144 -17.45 -8.78 -47.51
N ARG A 145 -16.20 -8.42 -47.74
CA ARG A 145 -15.21 -8.24 -46.69
C ARG A 145 -14.93 -6.76 -46.48
N TYR A 146 -14.87 -6.35 -45.22
CA TYR A 146 -14.61 -4.97 -44.85
C TYR A 146 -13.58 -4.93 -43.74
N GLN A 147 -12.87 -3.82 -43.63
CA GLN A 147 -11.89 -3.60 -42.58
C GLN A 147 -12.07 -2.21 -41.99
N TYR A 148 -11.69 -2.06 -40.73
CA TYR A 148 -11.87 -0.80 -40.03
C TYR A 148 -10.71 0.14 -40.32
N ASN A 149 -11.02 1.33 -40.84
CA ASN A 149 -10.04 2.40 -40.99
C ASN A 149 -10.02 3.33 -39.79
N VAL A 150 -10.90 3.12 -38.80
CA VAL A 150 -10.97 3.95 -37.61
C VAL A 150 -11.05 3.03 -36.40
N LEU A 151 -10.99 3.61 -35.22
CA LEU A 151 -11.03 2.83 -34.00
C LEU A 151 -12.35 2.07 -33.92
N PRO A 152 -12.34 0.75 -33.77
CA PRO A 152 -13.59 0.01 -33.64
C PRO A 152 -14.22 0.18 -32.27
N GLN A 153 -15.50 -0.16 -32.18
CA GLN A 153 -16.24 -0.14 -30.93
C GLN A 153 -16.02 -1.45 -30.19
N GLY A 154 -15.72 -1.34 -28.89
CA GLY A 154 -15.48 -2.50 -28.07
C GLY A 154 -14.07 -3.07 -28.17
N TRP A 155 -13.22 -2.51 -29.03
CA TRP A 155 -11.85 -2.97 -29.13
C TRP A 155 -11.06 -2.55 -27.89
N LYS A 156 -10.05 -3.37 -27.56
CA LYS A 156 -9.26 -3.10 -26.35
C LYS A 156 -8.54 -1.77 -26.44
N GLY A 157 -7.97 -1.46 -27.61
CA GLY A 157 -7.18 -0.26 -27.77
C GLY A 157 -7.96 1.00 -28.10
N SER A 158 -9.25 0.88 -28.43
CA SER A 158 -10.03 2.06 -28.80
C SER A 158 -10.12 3.07 -27.67
N PRO A 159 -10.42 2.69 -26.42
CA PRO A 159 -10.49 3.71 -25.35
C PRO A 159 -9.15 4.39 -25.11
N ALA A 160 -8.08 3.62 -24.96
CA ALA A 160 -6.78 4.22 -24.67
C ALA A 160 -6.29 5.08 -25.83
N ILE A 161 -6.42 4.58 -27.06
CA ILE A 161 -5.93 5.33 -28.20
C ILE A 161 -6.73 6.61 -28.39
N PHE A 162 -8.05 6.54 -28.25
CA PHE A 162 -8.87 7.74 -28.43
C PHE A 162 -8.56 8.77 -27.35
N GLN A 163 -8.38 8.33 -26.10
CA GLN A 163 -8.02 9.26 -25.04
C GLN A 163 -6.69 9.93 -25.33
N SER A 164 -5.71 9.15 -25.77
CA SER A 164 -4.42 9.72 -26.15
C SER A 164 -4.57 10.68 -27.34
N SER A 165 -5.32 10.26 -28.35
CA SER A 165 -5.53 11.12 -29.51
C SER A 165 -6.31 12.38 -29.13
N MET A 166 -7.34 12.23 -28.30
CA MET A 166 -8.11 13.39 -27.88
C MET A 166 -7.27 14.33 -27.02
N THR A 167 -6.44 13.77 -26.14
CA THR A 167 -5.61 14.61 -25.28
C THR A 167 -4.66 15.47 -26.12
N LYS A 168 -4.05 14.88 -27.14
CA LYS A 168 -3.18 15.67 -28.01
C LYS A 168 -3.98 16.69 -28.81
N ILE A 169 -5.26 16.42 -29.07
CA ILE A 169 -6.10 17.39 -29.77
C ILE A 169 -6.43 18.56 -28.87
N LEU A 170 -6.56 18.32 -27.57
CA LEU A 170 -6.96 19.37 -26.64
C LEU A 170 -5.77 20.16 -26.07
N GLU A 171 -4.58 19.58 -26.08
CA GLU A 171 -3.43 20.29 -25.50
C GLU A 171 -3.16 21.64 -26.16
N PRO A 172 -3.26 21.81 -27.48
CA PRO A 172 -3.01 23.14 -28.06
C PRO A 172 -4.13 24.13 -27.81
N PHE A 173 -5.30 23.68 -27.36
CA PHE A 173 -6.39 24.55 -26.98
C PHE A 173 -6.40 24.86 -25.48
N LYS A 174 -6.16 23.85 -24.64
CA LYS A 174 -6.05 24.10 -23.21
C LYS A 174 -4.87 25.02 -22.90
N LYS A 175 -3.76 24.85 -23.63
CA LYS A 175 -2.63 25.74 -23.44
C LYS A 175 -3.00 27.18 -23.77
N GLN A 176 -3.76 27.39 -24.85
CA GLN A 176 -4.19 28.74 -25.21
C GLN A 176 -5.27 29.26 -24.28
N ASN A 177 -6.00 28.38 -23.60
CA ASN A 177 -7.09 28.77 -22.70
C ASN A 177 -6.90 28.08 -21.36
N PRO A 178 -5.92 28.53 -20.57
CA PRO A 178 -5.72 27.90 -19.25
C PRO A 178 -6.91 28.03 -18.33
N ASP A 179 -7.71 29.09 -18.47
CA ASP A 179 -8.88 29.25 -17.61
C ASP A 179 -9.88 28.12 -17.82
N ILE A 180 -10.11 27.73 -19.07
CA ILE A 180 -11.07 26.67 -19.37
C ILE A 180 -10.54 25.34 -18.85
N VAL A 181 -11.37 24.62 -18.11
CA VAL A 181 -11.04 23.30 -17.59
C VAL A 181 -11.84 22.29 -18.39
N ILE A 182 -11.14 21.38 -19.07
CA ILE A 182 -11.75 20.37 -19.93
C ILE A 182 -11.47 19.01 -19.33
N TYR A 183 -12.53 18.26 -19.07
CA TYR A 183 -12.44 16.88 -18.60
C TYR A 183 -12.99 15.96 -19.69
N GLN A 184 -12.20 14.94 -20.03
CA GLN A 184 -12.57 14.00 -21.08
C GLN A 184 -12.91 12.65 -20.47
N TYR A 185 -14.07 12.12 -20.85
CA TYR A 185 -14.53 10.81 -20.41
C TYR A 185 -14.70 9.92 -21.64
N MET A 186 -15.30 8.74 -21.43
CA MET A 186 -15.48 7.78 -22.51
C MET A 186 -15.96 8.45 -23.80
N ASP A 187 -17.09 9.15 -23.73
CA ASP A 187 -17.66 9.79 -24.91
C ASP A 187 -17.88 11.29 -24.74
N ASP A 188 -18.32 11.73 -23.56
CA ASP A 188 -18.66 13.13 -23.35
C ASP A 188 -17.43 13.92 -22.92
N LEU A 189 -17.48 15.23 -23.18
CA LEU A 189 -16.39 16.16 -22.88
C LEU A 189 -16.94 17.27 -22.02
N TYR A 190 -16.51 17.32 -20.76
CA TYR A 190 -16.97 18.33 -19.81
C TYR A 190 -16.05 19.54 -19.87
N VAL A 191 -16.59 20.68 -20.30
CA VAL A 191 -15.81 21.90 -20.45
C VAL A 191 -16.30 22.95 -19.47
N GLY A 192 -15.69 23.02 -18.30
CA GLY A 192 -16.07 23.99 -17.29
C GLY A 192 -15.23 25.25 -17.37
N SER A 193 -15.85 26.37 -17.00
CA SER A 193 -15.16 27.66 -17.03
C SER A 193 -15.83 28.58 -16.03
N ASP A 194 -15.05 29.57 -15.55
CA ASP A 194 -15.56 30.62 -14.69
C ASP A 194 -16.09 31.81 -15.48
N LEU A 195 -16.08 31.72 -16.81
CA LEU A 195 -16.52 32.83 -17.64
C LEU A 195 -18.04 32.97 -17.59
N GLU A 196 -18.50 34.18 -17.93
CA GLU A 196 -19.93 34.44 -17.94
C GLU A 196 -20.62 33.57 -19.00
N ILE A 197 -21.95 33.56 -18.96
CA ILE A 197 -22.71 32.73 -19.88
C ILE A 197 -22.46 33.18 -21.31
N GLY A 198 -22.48 34.48 -21.57
CA GLY A 198 -22.22 34.96 -22.92
C GLY A 198 -20.81 34.67 -23.38
N GLN A 199 -19.83 34.95 -22.52
CA GLN A 199 -18.44 34.71 -22.89
C GLN A 199 -18.13 33.22 -22.95
N HIS A 200 -18.70 32.43 -22.04
CA HIS A 200 -18.42 31.00 -22.01
C HIS A 200 -18.90 30.33 -23.30
N ARG A 201 -20.10 30.68 -23.76
CA ARG A 201 -20.62 30.07 -24.98
C ARG A 201 -19.73 30.39 -26.17
N THR A 202 -19.19 31.61 -26.23
CA THR A 202 -18.27 31.96 -27.30
C THR A 202 -17.02 31.08 -27.25
N LYS A 203 -16.48 30.86 -26.05
CA LYS A 203 -15.29 30.02 -25.93
C LYS A 203 -15.59 28.56 -26.26
N ILE A 204 -16.78 28.07 -25.92
CA ILE A 204 -17.13 26.70 -26.27
C ILE A 204 -17.22 26.55 -27.78
N GLU A 205 -17.72 27.56 -28.48
CA GLU A 205 -17.72 27.52 -29.94
C GLU A 205 -16.31 27.42 -30.48
N GLU A 206 -15.36 28.15 -29.88
CA GLU A 206 -13.97 28.05 -30.30
C GLU A 206 -13.46 26.62 -30.16
N LEU A 207 -13.78 25.96 -29.05
CA LEU A 207 -13.41 24.57 -28.89
C LEU A 207 -14.11 23.69 -29.93
N ARG A 208 -15.40 23.94 -30.18
CA ARG A 208 -16.12 23.16 -31.17
C ARG A 208 -15.50 23.32 -32.55
N GLN A 209 -15.14 24.55 -32.92
CA GLN A 209 -14.43 24.77 -34.17
C GLN A 209 -13.05 24.14 -34.13
N HIS A 210 -12.36 24.26 -32.99
CA HIS A 210 -11.03 23.66 -32.86
C HIS A 210 -11.09 22.14 -33.01
N LEU A 211 -12.08 21.50 -32.37
CA LEU A 211 -12.23 20.06 -32.54
C LEU A 211 -12.59 19.70 -33.98
N LEU A 212 -13.44 20.50 -34.61
CA LEU A 212 -13.85 20.20 -35.98
C LEU A 212 -12.66 20.23 -36.93
N ARG A 213 -11.60 20.97 -36.59
CA ARG A 213 -10.42 21.00 -37.44
C ARG A 213 -9.79 19.61 -37.59
N TRP A 214 -9.91 18.78 -36.56
CA TRP A 214 -9.39 17.42 -36.59
C TRP A 214 -10.44 16.40 -37.01
N GLY A 215 -11.63 16.84 -37.39
CA GLY A 215 -12.70 15.96 -37.81
C GLY A 215 -13.65 15.54 -36.71
N LEU A 216 -13.32 15.82 -35.45
CA LEU A 216 -14.21 15.47 -34.35
C LEU A 216 -15.43 16.37 -34.36
N THR A 217 -16.60 15.77 -34.18
CA THR A 217 -17.87 16.48 -34.23
C THR A 217 -18.51 16.51 -32.85
N THR A 218 -19.01 17.68 -32.47
CA THR A 218 -19.67 17.91 -31.20
C THR A 218 -20.96 18.67 -31.45
N PRO A 219 -21.94 18.57 -30.54
CA PRO A 219 -23.24 19.18 -30.79
C PRO A 219 -23.24 20.69 -30.58
N ASP A 220 -24.25 21.33 -31.16
CA ASP A 220 -24.41 22.77 -31.01
C ASP A 220 -25.10 23.09 -29.69
N LYS A 221 -25.25 24.39 -29.42
CA LYS A 221 -25.87 24.82 -28.17
C LYS A 221 -27.31 24.32 -28.06
N LYS A 222 -28.05 24.35 -29.17
CA LYS A 222 -29.43 23.90 -29.15
C LYS A 222 -29.54 22.42 -28.80
N HIS A 223 -28.63 21.63 -29.35
CA HIS A 223 -28.60 20.18 -29.13
C HIS A 223 -27.74 19.76 -27.94
N GLN A 224 -27.22 20.73 -27.20
CA GLN A 224 -26.42 20.47 -26.02
C GLN A 224 -27.31 20.21 -24.81
N LYS A 225 -26.67 19.88 -23.70
CA LYS A 225 -27.38 19.60 -22.45
C LYS A 225 -26.98 20.59 -21.36
N GLU A 226 -27.94 20.90 -20.50
CA GLU A 226 -27.74 21.81 -19.39
C GLU A 226 -27.77 21.08 -18.06
N PRO A 227 -27.23 21.69 -17.01
CA PRO A 227 -27.19 21.01 -15.70
C PRO A 227 -28.60 20.80 -15.16
N PRO A 228 -28.79 19.83 -14.25
CA PRO A 228 -27.72 18.97 -13.72
C PRO A 228 -27.17 17.99 -14.75
N PHE A 229 -25.93 17.55 -14.55
CA PHE A 229 -25.26 16.64 -15.46
C PHE A 229 -25.16 15.27 -14.77
N LEU A 230 -26.07 14.37 -15.13
CA LEU A 230 -26.06 13.02 -14.58
C LEU A 230 -24.81 12.30 -15.07
N TRP A 231 -23.84 12.11 -14.18
CA TRP A 231 -22.54 11.54 -14.55
C TRP A 231 -22.15 10.47 -13.55
N MET A 232 -22.12 9.22 -14.01
CA MET A 232 -21.64 8.09 -13.20
C MET A 232 -22.34 8.03 -11.85
N GLY A 233 -23.67 8.24 -11.87
CA GLY A 233 -24.47 8.17 -10.67
C GLY A 233 -24.58 9.46 -9.90
N TYR A 234 -23.81 10.48 -10.25
CA TYR A 234 -23.87 11.78 -9.61
C TYR A 234 -24.78 12.71 -10.40
N GLU A 235 -25.30 13.72 -9.70
CA GLU A 235 -26.14 14.76 -10.29
C GLU A 235 -25.39 16.07 -10.09
N LEU A 236 -24.51 16.39 -11.03
CA LEU A 236 -23.61 17.52 -10.89
C LEU A 236 -24.28 18.81 -11.33
N HIS A 237 -24.21 19.82 -10.48
CA HIS A 237 -24.59 21.19 -10.80
C HIS A 237 -23.33 22.04 -10.91
N PRO A 238 -23.43 23.24 -11.49
CA PRO A 238 -22.24 24.10 -11.58
C PRO A 238 -21.64 24.43 -10.23
N ASP A 239 -22.45 24.51 -9.17
CA ASP A 239 -21.98 24.91 -7.85
C ASP A 239 -22.12 23.83 -6.78
N LYS A 240 -22.93 22.81 -7.00
CA LYS A 240 -23.12 21.76 -6.01
C LYS A 240 -23.21 20.41 -6.72
N TRP A 241 -23.03 19.35 -5.94
CA TRP A 241 -23.08 18.00 -6.46
C TRP A 241 -23.84 17.11 -5.49
N THR A 242 -24.39 16.02 -6.01
CA THR A 242 -25.09 15.05 -5.18
C THR A 242 -25.21 13.75 -5.97
N VAL A 243 -25.46 12.67 -5.23
CA VAL A 243 -25.73 11.38 -5.87
C VAL A 243 -27.11 11.43 -6.51
N GLN A 244 -27.30 10.63 -7.56
CA GLN A 244 -28.58 10.60 -8.23
C GLN A 244 -29.65 10.08 -7.27
N PRO A 245 -30.91 10.49 -7.46
CA PRO A 245 -31.97 10.10 -6.50
C PRO A 245 -31.95 8.62 -6.18
N ILE A 246 -31.72 8.30 -4.91
CA ILE A 246 -31.65 6.92 -4.43
C ILE A 246 -32.95 6.61 -3.71
N VAL A 247 -33.69 5.62 -4.20
CA VAL A 247 -34.95 5.19 -3.61
C VAL A 247 -34.79 3.76 -3.14
N LEU A 248 -35.03 3.53 -1.85
CA LEU A 248 -34.92 2.18 -1.31
C LEU A 248 -36.26 1.47 -1.34
N PRO A 249 -36.32 0.22 -1.77
CA PRO A 249 -37.62 -0.46 -1.85
C PRO A 249 -38.28 -0.58 -0.48
N GLU A 250 -39.61 -0.48 -0.48
CA GLU A 250 -40.41 -0.60 0.74
C GLU A 250 -41.11 -1.96 0.82
N LYS A 251 -40.43 -3.01 0.37
CA LYS A 251 -41.02 -4.35 0.36
C LYS A 251 -40.98 -4.96 1.75
N ASP A 252 -41.71 -6.07 1.91
CA ASP A 252 -41.80 -6.76 3.19
C ASP A 252 -40.75 -7.85 3.32
N SER A 253 -40.67 -8.75 2.33
CA SER A 253 -39.72 -9.85 2.34
C SER A 253 -38.48 -9.46 1.55
N TRP A 254 -37.31 -9.68 2.14
CA TRP A 254 -36.04 -9.30 1.53
C TRP A 254 -35.23 -10.54 1.20
N THR A 255 -34.68 -10.58 0.00
CA THR A 255 -33.81 -11.65 -0.45
C THR A 255 -32.37 -11.16 -0.53
N VAL A 256 -31.45 -12.10 -0.68
CA VAL A 256 -30.03 -11.74 -0.76
C VAL A 256 -29.79 -10.76 -1.91
N ASN A 257 -30.48 -10.95 -3.03
CA ASN A 257 -30.36 -10.01 -4.13
C ASN A 257 -30.82 -8.62 -3.72
N ASP A 258 -31.94 -8.53 -3.01
CA ASP A 258 -32.44 -7.23 -2.57
C ASP A 258 -31.49 -6.58 -1.56
N ILE A 259 -30.96 -7.37 -0.63
CA ILE A 259 -30.01 -6.83 0.34
C ILE A 259 -28.76 -6.33 -0.37
N CYS A 260 -28.29 -7.08 -1.37
CA CYS A 260 -27.13 -6.63 -2.14
C CYS A 260 -27.43 -5.32 -2.85
N LYS A 261 -28.61 -5.21 -3.45
CA LYS A 261 -29.01 -3.95 -4.06
C LYS A 261 -29.13 -2.85 -3.00
N LEU A 262 -29.75 -3.17 -1.87
CA LEU A 262 -29.93 -2.18 -0.82
C LEU A 262 -28.59 -1.72 -0.27
N VAL A 263 -27.68 -2.66 -0.01
CA VAL A 263 -26.37 -2.31 0.54
C VAL A 263 -25.62 -1.44 -0.45
N GLY A 264 -25.62 -1.81 -1.73
CA GLY A 264 -24.94 -1.01 -2.73
C GLY A 264 -25.57 0.35 -2.92
N LYS A 265 -26.90 0.42 -2.89
CA LYS A 265 -27.58 1.68 -3.12
C LYS A 265 -27.26 2.70 -2.03
N LEU A 266 -27.26 2.29 -0.77
CA LEU A 266 -26.96 3.18 0.32
C LEU A 266 -25.47 3.28 0.61
N ASN A 267 -24.65 2.42 0.02
CA ASN A 267 -23.21 2.66 0.01
C ASN A 267 -22.86 3.80 -0.93
N TRP A 268 -23.60 3.93 -2.04
CA TRP A 268 -23.44 5.09 -2.92
C TRP A 268 -23.88 6.36 -2.20
N ALA A 269 -24.96 6.29 -1.42
CA ALA A 269 -25.44 7.46 -0.70
C ALA A 269 -24.55 7.84 0.47
N SER A 270 -23.75 6.90 0.99
CA SER A 270 -22.96 7.18 2.18
C SER A 270 -21.94 8.29 1.93
N GLN A 271 -21.47 8.44 0.69
CA GLN A 271 -20.44 9.43 0.39
C GLN A 271 -20.95 10.86 0.42
N ILE A 272 -22.27 11.07 0.45
CA ILE A 272 -22.83 12.41 0.58
C ILE A 272 -23.76 12.46 1.78
N TYR A 273 -24.63 11.46 1.92
CA TYR A 273 -25.54 11.43 3.05
C TYR A 273 -24.79 11.03 4.32
N PRO A 274 -24.84 11.82 5.38
CA PRO A 274 -24.07 11.48 6.58
C PRO A 274 -24.81 10.52 7.51
N GLY A 275 -24.04 9.67 8.18
CA GLY A 275 -24.60 8.75 9.14
C GLY A 275 -25.25 7.52 8.54
N ILE A 276 -24.85 7.12 7.33
CA ILE A 276 -25.41 5.94 6.69
C ILE A 276 -24.75 4.70 7.28
N LYS A 277 -25.57 3.81 7.83
CA LYS A 277 -25.09 2.59 8.47
C LYS A 277 -25.46 1.40 7.60
N VAL A 278 -24.49 0.52 7.33
CA VAL A 278 -24.71 -0.65 6.50
C VAL A 278 -24.16 -1.89 7.21
N ARG A 279 -23.80 -1.74 8.49
CA ARG A 279 -23.17 -2.84 9.20
C ARG A 279 -24.11 -4.02 9.37
N GLN A 280 -25.33 -3.76 9.86
CA GLN A 280 -26.27 -4.84 10.10
C GLN A 280 -26.73 -5.48 8.79
N LEU A 281 -27.05 -4.65 7.79
CA LEU A 281 -27.50 -5.20 6.51
C LEU A 281 -26.40 -5.99 5.83
N SER A 282 -25.15 -5.54 5.95
CA SER A 282 -24.04 -6.28 5.34
C SER A 282 -23.82 -7.61 6.03
N LYS A 283 -24.12 -7.70 7.33
CA LYS A 283 -23.95 -8.97 8.04
C LYS A 283 -24.93 -10.02 7.56
N LEU A 284 -26.10 -9.62 7.08
CA LEU A 284 -27.09 -10.57 6.58
C LEU A 284 -26.64 -11.28 5.31
N LEU A 285 -25.56 -10.82 4.67
CA LEU A 285 -25.05 -11.44 3.47
C LEU A 285 -24.05 -12.56 3.75
N ARG A 286 -23.81 -12.88 5.02
CA ARG A 286 -22.87 -13.93 5.39
C ARG A 286 -23.62 -15.25 5.54
N GLY A 287 -23.09 -16.30 4.92
CA GLY A 287 -23.70 -17.61 4.99
C GLY A 287 -24.81 -17.87 4.01
N THR A 288 -25.16 -16.88 3.19
CA THR A 288 -26.23 -17.02 2.19
C THR A 288 -25.61 -17.07 0.80
N LYS A 289 -26.02 -18.06 0.01
CA LYS A 289 -25.53 -18.24 -1.35
C LYS A 289 -26.62 -18.00 -2.39
N ALA A 290 -27.74 -18.71 -2.28
CA ALA A 290 -28.82 -18.53 -3.23
C ALA A 290 -29.42 -17.13 -3.10
N LEU A 291 -29.69 -16.50 -4.25
CA LEU A 291 -30.22 -15.14 -4.26
C LEU A 291 -31.72 -15.10 -3.98
N THR A 292 -32.40 -16.24 -4.06
CA THR A 292 -33.84 -16.31 -3.82
C THR A 292 -34.17 -16.57 -2.35
N GLU A 293 -33.17 -16.78 -1.50
CA GLU A 293 -33.40 -17.06 -0.09
C GLU A 293 -33.93 -15.81 0.60
N VAL A 294 -35.21 -15.85 1.01
CA VAL A 294 -35.80 -14.73 1.72
C VAL A 294 -35.10 -14.58 3.06
N ILE A 295 -34.38 -13.49 3.23
CA ILE A 295 -33.63 -13.26 4.47
C ILE A 295 -34.58 -12.71 5.52
N PRO A 296 -34.66 -13.31 6.72
CA PRO A 296 -35.50 -12.75 7.78
C PRO A 296 -34.87 -11.52 8.40
N LEU A 297 -35.08 -10.36 7.78
CA LEU A 297 -34.46 -9.11 8.21
C LEU A 297 -34.51 -8.96 9.72
N THR A 298 -33.32 -8.89 10.34
CA THR A 298 -33.23 -8.83 11.78
C THR A 298 -33.70 -7.48 12.30
N GLU A 299 -34.04 -7.44 13.59
CA GLU A 299 -34.46 -6.19 14.21
C GLU A 299 -33.35 -5.14 14.13
N GLU A 300 -32.10 -5.56 14.37
CA GLU A 300 -30.99 -4.64 14.21
C GLU A 300 -30.86 -4.17 12.76
N ALA A 301 -30.99 -5.09 11.81
CA ALA A 301 -30.97 -4.71 10.40
C ALA A 301 -32.16 -3.83 10.05
N GLU A 302 -33.34 -4.16 10.58
CA GLU A 302 -34.51 -3.32 10.37
C GLU A 302 -34.30 -1.94 10.99
N LEU A 303 -33.71 -1.89 12.18
CA LEU A 303 -33.45 -0.60 12.82
C LEU A 303 -32.50 0.24 11.98
N GLU A 304 -31.43 -0.37 11.45
CA GLU A 304 -30.52 0.37 10.59
C GLU A 304 -31.22 0.82 9.31
N LEU A 305 -32.03 -0.05 8.72
CA LEU A 305 -32.73 0.31 7.50
C LEU A 305 -33.68 1.47 7.73
N ALA A 306 -34.39 1.48 8.86
CA ALA A 306 -35.26 2.59 9.18
C ALA A 306 -34.46 3.89 9.35
N GLU A 307 -33.31 3.80 10.02
CA GLU A 307 -32.46 4.98 10.18
C GLU A 307 -31.97 5.48 8.83
N ASN A 308 -31.54 4.57 7.94
CA ASN A 308 -31.07 4.98 6.63
C ASN A 308 -32.18 5.61 5.82
N ARG A 309 -33.40 5.07 5.92
CA ARG A 309 -34.53 5.68 5.22
C ARG A 309 -34.76 7.11 5.69
N GLU A 310 -34.69 7.33 7.01
CA GLU A 310 -34.87 8.68 7.53
C GLU A 310 -33.78 9.62 7.04
N ILE A 311 -32.54 9.14 6.97
CA ILE A 311 -31.44 9.98 6.51
C ILE A 311 -31.68 10.43 5.07
N LEU A 312 -32.25 9.55 4.25
CA LEU A 312 -32.48 9.85 2.84
C LEU A 312 -33.75 10.64 2.60
N LYS A 313 -34.53 10.95 3.63
CA LYS A 313 -35.76 11.71 3.44
C LYS A 313 -35.47 13.07 2.81
N GLU A 314 -34.52 13.81 3.38
CA GLU A 314 -34.19 15.13 2.85
C GLU A 314 -33.08 15.03 1.81
N PRO A 315 -33.05 15.93 0.83
CA PRO A 315 -31.96 15.91 -0.16
C PRO A 315 -30.72 16.59 0.41
N VAL A 316 -29.57 15.93 0.24
CA VAL A 316 -28.28 16.44 0.72
C VAL A 316 -27.40 16.68 -0.49
N HIS A 317 -26.93 17.91 -0.64
CA HIS A 317 -26.11 18.31 -1.78
C HIS A 317 -24.69 18.61 -1.29
N GLY A 318 -23.70 18.06 -1.99
CA GLY A 318 -22.31 18.33 -1.68
C GLY A 318 -21.85 19.67 -2.20
N VAL A 319 -20.60 19.97 -1.92
CA VAL A 319 -19.97 21.23 -2.32
C VAL A 319 -18.66 20.90 -3.02
N TYR A 320 -18.24 21.78 -3.92
CA TYR A 320 -17.05 21.56 -4.72
C TYR A 320 -15.80 22.06 -4.01
N TYR A 321 -14.66 21.48 -4.37
CA TYR A 321 -13.41 21.81 -3.71
C TYR A 321 -13.04 23.26 -3.93
N ASP A 322 -12.53 23.90 -2.88
CA ASP A 322 -12.01 25.27 -2.94
C ASP A 322 -10.54 25.23 -2.51
N PRO A 323 -9.60 25.24 -3.46
CA PRO A 323 -8.18 25.10 -3.07
C PRO A 323 -7.70 26.19 -2.13
N SER A 324 -8.35 27.36 -2.12
CA SER A 324 -7.94 28.44 -1.23
C SER A 324 -8.17 28.12 0.24
N LYS A 325 -8.93 27.07 0.55
CA LYS A 325 -9.26 26.71 1.92
C LYS A 325 -8.64 25.36 2.26
N ASP A 326 -8.52 25.10 3.56
CA ASP A 326 -7.91 23.89 4.07
C ASP A 326 -8.99 22.86 4.40
N LEU A 327 -8.78 21.63 3.94
CA LEU A 327 -9.76 20.57 4.18
C LEU A 327 -9.79 20.18 5.65
N ILE A 328 -10.99 19.99 6.17
CA ILE A 328 -11.22 19.44 7.50
C ILE A 328 -11.88 18.08 7.32
N ALA A 329 -11.63 17.19 8.28
CA ALA A 329 -12.17 15.83 8.24
C ALA A 329 -12.59 15.44 9.65
N GLU A 330 -13.85 15.69 9.98
CA GLU A 330 -14.40 15.36 11.29
C GLU A 330 -14.92 13.92 11.27
N ILE A 331 -14.43 13.11 12.20
CA ILE A 331 -14.79 11.69 12.30
C ILE A 331 -15.66 11.50 13.53
N GLN A 332 -16.72 10.71 13.37
CA GLN A 332 -17.62 10.37 14.45
C GLN A 332 -17.72 8.86 14.58
N LYS A 333 -17.92 8.40 15.81
CA LYS A 333 -18.04 6.98 16.11
C LYS A 333 -19.52 6.60 16.13
N GLN A 334 -19.90 5.67 15.25
CA GLN A 334 -21.28 5.20 15.16
C GLN A 334 -21.54 3.96 15.99
N GLY A 335 -20.52 3.38 16.61
CA GLY A 335 -20.68 2.21 17.43
C GLY A 335 -20.66 0.92 16.63
N GLN A 336 -20.35 -0.17 17.33
CA GLN A 336 -20.30 -1.50 16.72
C GLN A 336 -19.32 -1.53 15.55
N GLY A 337 -18.21 -0.83 15.68
CA GLY A 337 -17.20 -0.80 14.64
C GLY A 337 -17.58 0.02 13.43
N GLN A 338 -18.51 0.97 13.57
CA GLN A 338 -18.94 1.83 12.48
C GLN A 338 -18.41 3.24 12.72
N TRP A 339 -17.82 3.83 11.69
CA TRP A 339 -17.28 5.17 11.76
C TRP A 339 -17.84 6.00 10.61
N THR A 340 -18.00 7.29 10.86
CA THR A 340 -18.47 8.24 9.86
C THR A 340 -17.58 9.47 9.87
N TYR A 341 -17.23 9.96 8.69
CA TYR A 341 -16.40 11.13 8.55
C TYR A 341 -17.04 12.12 7.60
N GLN A 342 -16.87 13.41 7.89
CA GLN A 342 -17.42 14.50 7.09
C GLN A 342 -16.26 15.38 6.65
N ILE A 343 -15.82 15.22 5.40
CA ILE A 343 -14.74 16.05 4.87
C ILE A 343 -15.35 17.36 4.39
N TYR A 344 -14.87 18.47 4.96
CA TYR A 344 -15.45 19.77 4.67
C TYR A 344 -14.37 20.85 4.78
N GLN A 345 -14.67 22.00 4.18
CA GLN A 345 -13.85 23.20 4.31
C GLN A 345 -14.52 24.30 5.10
N GLU A 346 -15.82 24.50 4.89
CA GLU A 346 -16.62 25.45 5.64
C GLU A 346 -17.56 24.72 6.60
N PRO A 347 -17.98 25.36 7.68
CA PRO A 347 -18.86 24.67 8.64
C PRO A 347 -20.19 24.31 8.00
N PHE A 348 -20.57 23.04 8.15
CA PHE A 348 -21.87 22.49 7.74
C PHE A 348 -22.03 22.41 6.24
N LYS A 349 -21.03 22.78 5.44
CA LYS A 349 -21.05 22.65 3.99
C LYS A 349 -19.88 21.73 3.63
N ASN A 350 -20.18 20.42 3.55
CA ASN A 350 -19.14 19.40 3.45
C ASN A 350 -19.00 18.92 2.02
N LEU A 351 -17.74 18.84 1.55
CA LEU A 351 -17.47 18.37 0.20
C LEU A 351 -17.87 16.91 0.04
N LYS A 352 -17.56 16.08 1.03
CA LYS A 352 -17.77 14.65 0.92
C LYS A 352 -17.95 14.07 2.32
N THR A 353 -18.70 12.99 2.39
CA THR A 353 -18.83 12.21 3.62
C THR A 353 -18.46 10.77 3.33
N GLY A 354 -18.69 9.88 4.29
CA GLY A 354 -18.39 8.48 4.09
C GLY A 354 -18.48 7.71 5.39
N LYS A 355 -17.88 6.53 5.38
CA LYS A 355 -17.89 5.67 6.56
C LYS A 355 -16.75 4.68 6.45
N TYR A 356 -16.29 4.19 7.61
CA TYR A 356 -15.30 3.13 7.68
C TYR A 356 -15.84 2.08 8.65
N ALA A 357 -16.65 1.17 8.13
CA ALA A 357 -17.17 0.06 8.92
C ALA A 357 -16.29 -1.18 8.84
N ARG A 358 -15.27 -1.16 7.99
CA ARG A 358 -14.41 -2.32 7.84
C ARG A 358 -13.64 -2.58 9.12
N MET A 359 -13.46 -3.87 9.45
CA MET A 359 -12.68 -4.30 10.60
C MET A 359 -11.46 -5.06 10.09
N ARG A 360 -10.27 -4.57 10.42
CA ARG A 360 -9.03 -5.21 10.02
C ARG A 360 -8.62 -6.20 11.10
N GLY A 361 -8.65 -7.48 10.77
CA GLY A 361 -8.36 -8.54 11.72
C GLY A 361 -9.58 -8.89 12.56
N ALA A 362 -9.47 -10.03 13.24
CA ALA A 362 -10.57 -10.49 14.07
C ALA A 362 -10.76 -9.58 15.29
N HIS A 363 -9.67 -9.03 15.82
CA HIS A 363 -9.68 -8.30 17.08
C HIS A 363 -9.21 -6.88 16.84
N THR A 364 -9.98 -5.91 17.32
CA THR A 364 -9.62 -4.51 17.20
C THR A 364 -10.30 -3.72 18.31
N ASN A 365 -9.82 -2.50 18.51
CA ASN A 365 -10.40 -1.56 19.46
C ASN A 365 -10.65 -0.23 18.76
N ASP A 366 -11.27 0.70 19.49
CA ASP A 366 -11.65 1.98 18.89
C ASP A 366 -10.43 2.75 18.41
N VAL A 367 -9.36 2.77 19.21
CA VAL A 367 -8.19 3.57 18.84
C VAL A 367 -7.54 3.01 17.58
N LYS A 368 -7.37 1.70 17.50
CA LYS A 368 -6.79 1.10 16.29
C LYS A 368 -7.70 1.29 15.10
N GLN A 369 -9.02 1.12 15.29
CA GLN A 369 -9.96 1.35 14.20
C GLN A 369 -9.98 2.81 13.78
N LEU A 370 -9.89 3.73 14.75
CA LEU A 370 -9.87 5.15 14.41
C LEU A 370 -8.66 5.48 13.56
N THR A 371 -7.50 4.91 13.88
CA THR A 371 -6.32 5.13 13.05
C THR A 371 -6.52 4.58 11.65
N GLU A 372 -7.14 3.41 11.53
CA GLU A 372 -7.43 2.87 10.20
C GLU A 372 -8.40 3.74 9.44
N ALA A 373 -9.43 4.26 10.13
CA ALA A 373 -10.36 5.17 9.49
C ALA A 373 -9.67 6.44 9.04
N VAL A 374 -8.76 6.96 9.86
CA VAL A 374 -8.00 8.16 9.47
C VAL A 374 -7.15 7.87 8.25
N GLN A 375 -6.49 6.71 8.22
CA GLN A 375 -5.67 6.35 7.07
C GLN A 375 -6.51 6.23 5.81
N LYS A 376 -7.70 5.65 5.92
CA LYS A 376 -8.57 5.53 4.75
C LYS A 376 -8.96 6.91 4.23
N ILE A 377 -9.30 7.83 5.13
CA ILE A 377 -9.65 9.18 4.71
C ILE A 377 -8.45 9.86 4.06
N THR A 378 -7.26 9.67 4.64
CA THR A 378 -6.06 10.27 4.06
C THR A 378 -5.80 9.74 2.66
N THR A 379 -5.96 8.44 2.46
CA THR A 379 -5.72 7.86 1.13
C THR A 379 -6.72 8.40 0.12
N GLU A 380 -8.00 8.48 0.50
CA GLU A 380 -9.01 8.99 -0.44
C GLU A 380 -8.90 10.50 -0.61
N SER A 381 -8.34 11.19 0.38
CA SER A 381 -8.16 12.64 0.25
C SER A 381 -7.03 12.99 -0.70
N ILE A 382 -5.98 12.16 -0.74
CA ILE A 382 -4.86 12.43 -1.63
C ILE A 382 -5.27 12.22 -3.09
N VAL A 383 -6.05 11.17 -3.37
CA VAL A 383 -6.48 10.93 -4.74
C VAL A 383 -7.47 11.99 -5.19
N ILE A 384 -8.37 12.42 -4.29
CA ILE A 384 -9.39 13.39 -4.68
C ILE A 384 -8.82 14.80 -4.68
N TRP A 385 -8.14 15.19 -3.61
CA TRP A 385 -7.69 16.57 -3.45
C TRP A 385 -6.18 16.75 -3.48
N GLY A 386 -5.41 15.66 -3.41
CA GLY A 386 -3.97 15.79 -3.42
C GLY A 386 -3.39 16.36 -2.15
N LYS A 387 -4.14 16.34 -1.06
CA LYS A 387 -3.66 16.88 0.21
C LYS A 387 -4.44 16.23 1.34
N THR A 388 -3.73 15.92 2.43
CA THR A 388 -4.39 15.33 3.58
C THR A 388 -5.17 16.41 4.35
N PRO A 389 -6.33 16.08 4.90
CA PRO A 389 -7.13 17.08 5.63
C PRO A 389 -6.65 17.23 7.07
N LYS A 390 -7.18 18.26 7.73
CA LYS A 390 -6.93 18.50 9.15
C LYS A 390 -8.00 17.78 9.94
N PHE A 391 -7.68 16.58 10.42
CA PHE A 391 -8.66 15.73 11.05
C PHE A 391 -9.14 16.32 12.37
N LYS A 392 -10.40 16.04 12.70
CA LYS A 392 -11.01 16.41 13.97
C LYS A 392 -11.52 15.11 14.60
N LEU A 393 -10.65 14.42 15.33
CA LEU A 393 -10.98 13.09 15.83
C LEU A 393 -11.62 13.18 17.22
N PRO A 394 -12.53 12.25 17.55
CA PRO A 394 -13.15 12.22 18.89
C PRO A 394 -12.32 11.43 19.91
N ILE A 395 -11.02 11.67 19.93
CA ILE A 395 -10.10 10.96 20.81
C ILE A 395 -9.21 11.99 21.49
N GLN A 396 -9.04 11.85 22.80
CA GLN A 396 -8.19 12.76 23.54
C GLN A 396 -6.74 12.63 23.08
N LYS A 397 -6.01 13.76 23.15
CA LYS A 397 -4.61 13.74 22.75
C LYS A 397 -3.80 12.79 23.63
N GLU A 398 -4.04 12.84 24.94
CA GLU A 398 -3.35 11.93 25.85
C GLU A 398 -3.73 10.47 25.57
N THR A 399 -5.01 10.22 25.28
CA THR A 399 -5.45 8.86 25.03
C THR A 399 -4.74 8.27 23.83
N TRP A 400 -4.62 9.04 22.75
CA TRP A 400 -3.88 8.57 21.58
C TRP A 400 -2.40 8.42 21.89
N GLU A 401 -1.85 9.33 22.71
CA GLU A 401 -0.43 9.27 23.03
C GLU A 401 -0.08 7.96 23.72
N THR A 402 -0.89 7.53 24.69
CA THR A 402 -0.62 6.29 25.39
C THR A 402 -0.68 5.10 24.44
N TRP A 403 -1.64 5.10 23.52
CA TRP A 403 -1.80 3.97 22.60
C TRP A 403 -0.56 3.78 21.72
N TRP A 404 -0.26 4.77 20.88
CA TRP A 404 0.81 4.60 19.91
C TRP A 404 2.17 4.49 20.58
N THR A 405 2.33 5.09 21.76
CA THR A 405 3.60 4.94 22.49
C THR A 405 3.78 3.53 23.01
N GLU A 406 2.69 2.86 23.39
CA GLU A 406 2.73 1.51 23.95
C GLU A 406 2.20 0.47 22.97
N TYR A 407 2.33 0.74 21.67
CA TYR A 407 1.89 -0.19 20.62
C TYR A 407 3.08 -0.61 19.77
N TRP A 408 3.04 -1.85 19.29
CA TRP A 408 4.16 -2.43 18.56
C TRP A 408 4.21 -2.02 17.09
N GLN A 409 3.13 -1.47 16.54
CA GLN A 409 3.15 -0.97 15.18
C GLN A 409 3.71 0.44 15.13
N ALA A 410 4.10 0.87 13.93
CA ALA A 410 4.54 2.24 13.69
C ALA A 410 3.36 3.12 13.28
N THR A 411 2.31 3.10 14.09
CA THR A 411 1.11 3.86 13.79
C THR A 411 1.38 5.35 13.88
N TRP A 412 0.77 6.12 12.97
CA TRP A 412 0.84 7.56 13.00
C TRP A 412 -0.32 8.13 12.21
N ILE A 413 -0.87 9.24 12.69
CA ILE A 413 -1.95 9.93 12.01
C ILE A 413 -1.55 11.39 11.85
N PRO A 414 -1.86 12.04 10.72
CA PRO A 414 -1.39 13.40 10.50
C PRO A 414 -2.00 14.40 11.46
N GLU A 415 -1.64 15.67 11.31
CA GLU A 415 -2.16 16.74 12.18
C GLU A 415 -3.65 16.60 12.38
N TRP A 416 -4.06 16.47 13.64
CA TRP A 416 -5.47 16.30 13.98
C TRP A 416 -5.77 17.10 15.24
N GLU A 417 -7.05 17.37 15.44
CA GLU A 417 -7.54 18.14 16.57
C GLU A 417 -8.61 17.34 17.29
N PHE A 418 -8.72 17.57 18.59
CA PHE A 418 -9.70 16.86 19.42
C PHE A 418 -11.04 17.57 19.35
N VAL A 419 -12.09 16.82 19.01
CA VAL A 419 -13.46 17.32 18.98
C VAL A 419 -14.26 16.53 20.02
N ASN A 420 -14.93 17.25 20.91
CA ASN A 420 -15.63 16.63 22.04
C ASN A 420 -17.04 16.25 21.59
N THR A 421 -17.23 14.96 21.29
CA THR A 421 -18.52 14.40 20.96
C THR A 421 -18.89 13.32 21.98
N PRO A 422 -20.18 13.08 22.20
CA PRO A 422 -20.58 12.13 23.25
C PRO A 422 -19.95 10.77 23.07
N PRO A 423 -19.86 10.24 21.84
CA PRO A 423 -19.16 8.95 21.67
C PRO A 423 -17.64 9.11 21.53
N LEU A 424 -16.98 9.38 22.65
CA LEU A 424 -15.54 9.53 22.65
C LEU A 424 -14.86 8.18 22.49
N VAL A 425 -13.63 8.22 21.97
CA VAL A 425 -12.81 7.04 21.77
C VAL A 425 -11.82 6.94 22.91
N LYS A 426 -11.78 5.78 23.57
CA LYS A 426 -10.88 5.58 24.69
C LYS A 426 -10.62 4.09 24.87
N LEU A 427 -9.59 3.77 25.63
CA LEU A 427 -9.23 2.39 25.93
C LEU A 427 -10.02 1.93 27.15
N TRP A 428 -10.85 0.91 26.96
CA TRP A 428 -11.74 0.47 28.03
C TRP A 428 -10.96 -0.12 29.20
N TYR A 429 -9.82 -0.73 28.93
CA TYR A 429 -9.01 -1.34 29.98
C TYR A 429 -7.54 -1.29 29.58
N GLN A 430 -6.68 -1.39 30.58
CA GLN A 430 -5.24 -1.42 30.38
C GLN A 430 -4.64 -2.52 31.23
N LEU A 431 -3.69 -3.26 30.66
CA LEU A 431 -3.02 -4.34 31.37
C LEU A 431 -1.79 -3.80 32.10
N GLU A 432 -1.62 -4.25 33.34
CA GLU A 432 -0.48 -3.82 34.13
C GLU A 432 0.83 -4.27 33.48
N LYS A 433 1.85 -3.44 33.60
CA LYS A 433 3.17 -3.75 33.05
C LYS A 433 4.03 -4.56 34.01
N GLU A 434 3.59 -4.74 35.26
CA GLU A 434 4.33 -5.50 36.25
C GLU A 434 3.34 -6.34 37.06
N PRO A 435 3.82 -7.41 37.68
CA PRO A 435 2.91 -8.24 38.50
C PRO A 435 2.29 -7.44 39.62
N ILE A 436 1.04 -7.79 39.95
CA ILE A 436 0.28 -7.11 40.98
C ILE A 436 0.57 -7.78 42.32
N VAL A 437 0.95 -6.98 43.31
CA VAL A 437 1.24 -7.49 44.64
C VAL A 437 -0.06 -7.75 45.38
N GLY A 438 -0.19 -8.94 45.95
CA GLY A 438 -1.38 -9.31 46.68
C GLY A 438 -2.50 -9.88 45.83
N ALA A 439 -2.33 -9.91 44.52
CA ALA A 439 -3.34 -10.46 43.62
C ALA A 439 -3.06 -11.93 43.38
N GLU A 440 -4.07 -12.78 43.59
CA GLU A 440 -3.90 -14.21 43.39
C GLU A 440 -3.49 -14.49 41.95
N THR A 441 -2.47 -15.34 41.79
CA THR A 441 -1.96 -15.70 40.49
C THR A 441 -2.75 -16.88 39.93
N PHE A 442 -3.09 -16.80 38.64
CA PHE A 442 -3.88 -17.81 37.95
C PHE A 442 -3.06 -18.34 36.79
N TYR A 443 -2.62 -19.59 36.88
CA TYR A 443 -1.95 -20.26 35.78
C TYR A 443 -3.00 -20.99 34.96
N VAL A 444 -3.12 -20.61 33.69
CA VAL A 444 -4.24 -21.01 32.84
C VAL A 444 -3.71 -21.69 31.59
N ASP A 445 -4.30 -22.83 31.24
CA ASP A 445 -3.97 -23.52 30.00
C ASP A 445 -5.14 -24.42 29.63
N GLY A 446 -5.16 -24.85 28.38
CA GLY A 446 -6.21 -25.71 27.89
C GLY A 446 -5.79 -26.55 26.70
N ALA A 447 -6.13 -27.83 26.72
CA ALA A 447 -5.79 -28.77 25.65
C ALA A 447 -7.07 -29.20 24.93
N ALA A 448 -7.02 -29.16 23.61
CA ALA A 448 -8.16 -29.52 22.77
C ALA A 448 -7.80 -30.72 21.91
N ASN A 449 -8.63 -31.75 21.96
CA ASN A 449 -8.41 -32.93 21.14
C ASN A 449 -8.58 -32.60 19.66
N ARG A 450 -7.74 -33.18 18.82
CA ARG A 450 -7.78 -32.94 17.39
C ARG A 450 -8.78 -33.82 16.65
N GLU A 451 -9.36 -34.81 17.32
CA GLU A 451 -10.31 -35.73 16.68
C GLU A 451 -11.71 -35.58 17.23
N THR A 452 -11.88 -35.73 18.55
CA THR A 452 -13.20 -35.64 19.16
C THR A 452 -13.56 -34.24 19.62
N LYS A 453 -12.64 -33.30 19.49
CA LYS A 453 -12.87 -31.92 19.88
C LYS A 453 -13.50 -31.79 21.26
N LEU A 454 -13.21 -32.72 22.19
CA LEU A 454 -13.64 -32.62 23.58
C LEU A 454 -12.55 -31.96 24.42
N GLY A 455 -12.30 -30.69 24.12
CA GLY A 455 -11.27 -29.94 24.81
C GLY A 455 -11.57 -29.75 26.28
N LYS A 456 -10.67 -29.06 26.97
CA LYS A 456 -10.83 -28.83 28.41
C LYS A 456 -10.01 -27.61 28.79
N ALA A 457 -10.51 -26.84 29.75
CA ALA A 457 -9.84 -25.64 30.21
C ALA A 457 -9.93 -25.58 31.74
N GLY A 458 -8.96 -24.89 32.32
CA GLY A 458 -8.92 -24.77 33.78
C GLY A 458 -7.82 -23.82 34.19
N TYR A 459 -7.71 -23.62 35.50
CA TYR A 459 -6.69 -22.75 36.06
C TYR A 459 -6.21 -23.33 37.39
N VAL A 460 -4.98 -22.97 37.75
CA VAL A 460 -4.38 -23.34 39.02
C VAL A 460 -3.79 -22.07 39.64
N THR A 461 -4.06 -21.84 40.92
CA THR A 461 -3.60 -20.66 41.62
C THR A 461 -2.71 -21.07 42.79
N ASN A 462 -1.88 -20.11 43.22
CA ASN A 462 -0.95 -20.37 44.32
C ASN A 462 -1.67 -20.70 45.62
N LYS A 463 -2.92 -20.29 45.77
CA LYS A 463 -3.69 -20.53 46.99
C LYS A 463 -4.39 -21.88 46.97
N GLY A 464 -3.91 -22.82 46.17
CA GLY A 464 -4.55 -24.13 46.11
C GLY A 464 -5.98 -24.08 45.62
N ARG A 465 -6.29 -23.19 44.69
CA ARG A 465 -7.63 -23.03 44.14
C ARG A 465 -7.56 -23.40 42.66
N GLN A 466 -7.72 -24.69 42.37
CA GLN A 466 -7.68 -25.21 41.01
C GLN A 466 -9.09 -25.52 40.53
N LYS A 467 -9.30 -25.36 39.22
CA LYS A 467 -10.61 -25.55 38.63
C LYS A 467 -10.45 -26.07 37.21
N VAL A 468 -11.49 -26.73 36.72
CA VAL A 468 -11.52 -27.28 35.38
C VAL A 468 -12.96 -27.29 34.89
N VAL A 469 -13.14 -27.05 33.59
CA VAL A 469 -14.47 -27.07 32.98
C VAL A 469 -14.37 -27.77 31.62
N PRO A 470 -15.07 -28.88 31.41
CA PRO A 470 -15.04 -29.52 30.08
C PRO A 470 -15.61 -28.60 29.02
N LEU A 471 -15.08 -28.74 27.80
CA LEU A 471 -15.53 -27.97 26.65
C LEU A 471 -15.77 -28.91 25.48
N THR A 472 -16.67 -28.49 24.58
CA THR A 472 -17.06 -29.29 23.43
C THR A 472 -16.99 -28.43 22.18
N ASN A 473 -16.60 -29.07 21.07
CA ASN A 473 -16.49 -28.39 19.78
C ASN A 473 -15.58 -27.17 19.88
N THR A 474 -14.59 -27.26 20.75
CA THR A 474 -13.67 -26.16 20.95
C THR A 474 -12.32 -26.49 20.34
N THR A 475 -11.62 -25.47 19.88
CA THR A 475 -10.32 -25.68 19.28
C THR A 475 -9.23 -25.36 20.28
N ASN A 476 -8.01 -25.74 19.93
CA ASN A 476 -6.82 -25.50 20.72
C ASN A 476 -6.77 -24.06 21.14
N GLN A 477 -7.04 -23.22 20.17
CA GLN A 477 -7.09 -21.78 20.38
C GLN A 477 -8.26 -21.37 21.26
N LYS A 478 -9.44 -21.96 21.02
CA LYS A 478 -10.60 -21.62 21.83
C LYS A 478 -10.40 -22.02 23.28
N THR A 479 -9.79 -23.18 23.53
CA THR A 479 -9.56 -23.62 24.91
C THR A 479 -8.62 -22.67 25.64
N GLN A 480 -7.59 -22.17 24.96
CA GLN A 480 -6.67 -21.24 25.60
C GLN A 480 -7.40 -19.97 26.05
N LEU A 481 -8.23 -19.42 25.16
CA LEU A 481 -9.02 -18.25 25.54
C LEU A 481 -10.02 -18.59 26.64
N GLN A 482 -10.60 -19.79 26.60
CA GLN A 482 -11.50 -20.20 27.67
C GLN A 482 -10.78 -20.24 29.01
N ALA A 483 -9.53 -20.74 29.02
CA ALA A 483 -8.77 -20.81 30.26
C ALA A 483 -8.55 -19.42 30.84
N ILE A 484 -8.28 -18.43 29.99
CA ILE A 484 -8.16 -17.05 30.46
C ILE A 484 -9.48 -16.59 31.07
N TYR A 485 -10.59 -16.90 30.39
CA TYR A 485 -11.89 -16.44 30.86
C TYR A 485 -12.24 -17.03 32.22
N LEU A 486 -11.82 -18.27 32.50
CA LEU A 486 -12.05 -18.83 33.82
C LEU A 486 -11.35 -18.02 34.90
N ALA A 487 -10.10 -17.62 34.66
CA ALA A 487 -9.35 -16.88 35.67
C ALA A 487 -10.03 -15.57 36.01
N LEU A 488 -10.49 -14.84 34.99
CA LEU A 488 -11.17 -13.57 35.25
C LEU A 488 -12.47 -13.78 36.01
N GLN A 489 -13.23 -14.83 35.67
CA GLN A 489 -14.48 -15.11 36.36
C GLN A 489 -14.25 -15.37 37.84
N ASP A 490 -13.26 -16.22 38.16
CA ASP A 490 -13.07 -16.72 39.51
C ASP A 490 -12.07 -15.91 40.32
N SER A 491 -11.54 -14.83 39.76
CA SER A 491 -10.61 -13.96 40.46
C SER A 491 -11.34 -12.75 41.03
N GLY A 492 -10.62 -11.93 41.77
CA GLY A 492 -11.15 -10.70 42.32
C GLY A 492 -10.91 -9.52 41.41
N LEU A 493 -10.84 -8.34 42.01
CA LEU A 493 -10.57 -7.14 41.22
C LEU A 493 -9.17 -7.18 40.61
N GLU A 494 -8.20 -7.70 41.35
CA GLU A 494 -6.83 -7.81 40.88
C GLU A 494 -6.51 -9.28 40.63
N VAL A 495 -6.00 -9.58 39.44
CA VAL A 495 -5.69 -10.95 39.03
C VAL A 495 -4.38 -10.96 38.27
N ASN A 496 -3.54 -11.95 38.55
CA ASN A 496 -2.33 -12.23 37.79
C ASN A 496 -2.56 -13.52 37.00
N ILE A 497 -2.56 -13.40 35.68
CA ILE A 497 -2.82 -14.53 34.79
C ILE A 497 -1.53 -14.89 34.07
N VAL A 498 -1.16 -16.17 34.15
CA VAL A 498 0.05 -16.69 33.53
C VAL A 498 -0.39 -17.71 32.49
N THR A 499 -0.34 -17.33 31.21
CA THR A 499 -0.77 -18.16 30.11
C THR A 499 0.43 -18.49 29.23
N ASP A 500 0.62 -19.78 28.93
CA ASP A 500 1.74 -20.23 28.12
C ASP A 500 1.40 -20.27 26.64
N SER A 501 0.41 -19.50 26.20
CA SER A 501 -0.01 -19.46 24.79
C SER A 501 0.18 -18.05 24.26
N GLN A 502 0.89 -17.93 23.14
CA GLN A 502 1.06 -16.63 22.51
C GLN A 502 -0.19 -16.17 21.79
N TYR A 503 -1.07 -17.10 21.42
CA TYR A 503 -2.33 -16.72 20.78
C TYR A 503 -3.20 -15.90 21.72
N ALA A 504 -3.44 -16.40 22.93
CA ALA A 504 -4.22 -15.66 23.90
C ALA A 504 -3.50 -14.38 24.33
N LEU A 505 -2.19 -14.46 24.54
CA LEU A 505 -1.44 -13.27 24.95
C LEU A 505 -1.50 -12.18 23.88
N GLY A 506 -1.31 -12.58 22.62
CA GLY A 506 -1.34 -11.58 21.55
C GLY A 506 -2.70 -10.91 21.44
N ILE A 507 -3.78 -11.68 21.58
CA ILE A 507 -5.12 -11.11 21.43
C ILE A 507 -5.41 -10.13 22.56
N ILE A 508 -5.15 -10.54 23.80
CA ILE A 508 -5.48 -9.70 24.94
C ILE A 508 -4.56 -8.49 25.02
N GLN A 509 -3.27 -8.67 24.71
CA GLN A 509 -2.33 -7.55 24.78
C GLN A 509 -2.68 -6.45 23.79
N ALA A 510 -3.41 -6.76 22.73
CA ALA A 510 -3.85 -5.73 21.79
C ALA A 510 -4.94 -4.83 22.38
N GLN A 511 -5.50 -5.20 23.53
CA GLN A 511 -6.53 -4.40 24.19
C GLN A 511 -7.74 -4.21 23.29
N PRO A 512 -8.29 -5.27 22.71
CA PRO A 512 -9.48 -5.11 21.86
C PRO A 512 -10.70 -4.70 22.69
N ASP A 513 -11.59 -3.96 22.05
CA ASP A 513 -12.89 -3.63 22.63
C ASP A 513 -14.02 -4.45 22.02
N LYS A 514 -13.75 -5.18 20.93
CA LYS A 514 -14.77 -5.95 20.24
C LYS A 514 -14.08 -6.96 19.35
N SER A 515 -14.84 -7.94 18.88
CA SER A 515 -14.33 -8.98 18.00
C SER A 515 -15.49 -9.86 17.57
N GLU A 516 -15.29 -10.60 16.48
CA GLU A 516 -16.32 -11.50 15.99
C GLU A 516 -16.58 -12.63 16.97
N SER A 517 -15.53 -13.21 17.54
CA SER A 517 -15.69 -14.30 18.49
C SER A 517 -16.40 -13.82 19.74
N GLU A 518 -17.35 -14.63 20.22
CA GLU A 518 -18.05 -14.30 21.45
C GLU A 518 -17.26 -14.68 22.69
N LEU A 519 -16.36 -15.66 22.58
CA LEU A 519 -15.53 -16.04 23.73
C LEU A 519 -14.61 -14.89 24.14
N VAL A 520 -13.95 -14.26 23.17
CA VAL A 520 -13.08 -13.13 23.47
C VAL A 520 -13.90 -11.95 23.97
N ASN A 521 -15.09 -11.74 23.41
CA ASN A 521 -15.92 -10.63 23.85
C ASN A 521 -16.28 -10.78 25.33
N GLN A 522 -16.64 -11.98 25.75
CA GLN A 522 -16.92 -12.21 27.16
C GLN A 522 -15.70 -11.90 28.02
N ILE A 523 -14.50 -12.19 27.51
CA ILE A 523 -13.28 -11.83 28.22
C ILE A 523 -13.16 -10.32 28.34
N ILE A 524 -13.45 -9.59 27.26
CA ILE A 524 -13.28 -8.14 27.26
C ILE A 524 -14.19 -7.51 28.29
N GLU A 525 -15.46 -7.93 28.33
CA GLU A 525 -16.38 -7.40 29.33
C GLU A 525 -15.98 -7.83 30.74
N GLN A 526 -15.18 -8.89 30.88
CA GLN A 526 -14.67 -9.29 32.19
C GLN A 526 -13.36 -8.58 32.53
N LEU A 527 -12.56 -8.24 31.52
CA LEU A 527 -11.35 -7.47 31.76
C LEU A 527 -11.68 -6.06 32.25
N ILE A 528 -12.75 -5.47 31.70
CA ILE A 528 -13.13 -4.11 32.09
C ILE A 528 -13.51 -4.07 33.56
N LYS A 529 -14.28 -5.07 34.02
CA LYS A 529 -14.68 -5.10 35.42
C LYS A 529 -13.48 -5.16 36.34
N LYS A 530 -12.38 -5.77 35.89
CA LYS A 530 -11.18 -5.90 36.70
C LYS A 530 -10.45 -4.56 36.77
N GLU A 531 -10.13 -4.12 37.98
CA GLU A 531 -9.38 -2.88 38.15
C GLU A 531 -7.90 -3.05 37.86
N LYS A 532 -7.39 -4.28 37.88
CA LYS A 532 -5.99 -4.54 37.59
C LYS A 532 -5.86 -5.97 37.08
N VAL A 533 -5.23 -6.13 35.92
CA VAL A 533 -5.03 -7.44 35.32
C VAL A 533 -3.63 -7.47 34.71
N TYR A 534 -2.82 -8.44 35.12
CA TYR A 534 -1.50 -8.68 34.54
C TYR A 534 -1.53 -10.03 33.84
N LEU A 535 -1.21 -10.03 32.56
CA LEU A 535 -1.20 -11.23 31.74
C LEU A 535 0.26 -11.56 31.41
N ALA A 536 0.80 -12.57 32.08
CA ALA A 536 2.18 -12.99 31.89
C ALA A 536 2.25 -14.05 30.80
N TRP A 537 3.44 -14.59 30.56
CA TRP A 537 3.62 -15.64 29.58
C TRP A 537 4.81 -16.50 29.97
N VAL A 538 4.64 -17.81 29.90
CA VAL A 538 5.70 -18.75 30.22
C VAL A 538 5.79 -19.78 29.10
N PRO A 539 6.99 -20.25 28.74
CA PRO A 539 7.08 -21.29 27.70
C PRO A 539 6.39 -22.56 28.14
N ALA A 540 5.75 -23.24 27.19
CA ALA A 540 5.03 -24.46 27.48
C ALA A 540 5.99 -25.65 27.54
N HIS A 541 5.64 -26.62 28.38
CA HIS A 541 6.35 -27.89 28.53
C HIS A 541 7.75 -27.72 29.14
N LYS A 542 8.06 -26.57 29.71
CA LYS A 542 9.35 -26.33 30.34
C LYS A 542 9.29 -26.45 31.86
N GLY A 543 8.17 -26.90 32.41
CA GLY A 543 8.04 -27.05 33.84
C GLY A 543 8.16 -25.74 34.58
N ILE A 544 7.46 -24.71 34.08
CA ILE A 544 7.59 -23.35 34.63
C ILE A 544 6.57 -23.26 35.76
N GLY A 545 6.98 -23.70 36.95
CA GLY A 545 6.15 -23.52 38.13
C GLY A 545 4.79 -24.16 37.96
N GLY A 546 3.74 -23.36 38.21
CA GLY A 546 2.38 -23.86 38.20
C GLY A 546 1.80 -24.11 36.82
N ASN A 547 2.46 -23.65 35.76
CA ASN A 547 1.97 -23.94 34.42
C ASN A 547 2.02 -25.43 34.11
N GLU A 548 3.05 -26.13 34.62
CA GLU A 548 3.11 -27.57 34.43
C GLU A 548 1.94 -28.26 35.12
N GLN A 549 1.56 -27.80 36.31
CA GLN A 549 0.44 -28.41 37.01
C GLN A 549 -0.86 -28.23 36.22
N VAL A 550 -1.04 -27.06 35.59
CA VAL A 550 -2.28 -26.81 34.85
C VAL A 550 -2.42 -27.80 33.70
N ASP A 551 -1.33 -28.05 32.97
CA ASP A 551 -1.40 -28.99 31.86
C ASP A 551 -1.85 -30.37 32.33
N LYS A 552 -1.45 -30.77 33.54
CA LYS A 552 -1.91 -32.06 34.07
C LYS A 552 -3.42 -32.08 34.22
N LEU A 553 -4.00 -31.01 34.74
CA LEU A 553 -5.45 -30.97 34.96
C LEU A 553 -6.20 -30.91 33.63
N VAL A 554 -5.73 -30.11 32.68
CA VAL A 554 -6.45 -29.87 31.45
C VAL A 554 -6.02 -30.83 30.33
N SER A 555 -5.30 -31.90 30.67
CA SER A 555 -4.92 -32.90 29.69
C SER A 555 -5.08 -34.33 30.22
N ALA A 556 -5.79 -34.51 31.33
CA ALA A 556 -5.92 -35.85 31.91
C ALA A 556 -6.65 -36.80 30.95
N GLY A 557 -7.71 -36.32 30.31
CA GLY A 557 -8.51 -37.16 29.44
C GLY A 557 -8.72 -36.56 28.06
N ILE A 558 -7.78 -35.73 27.61
CA ILE A 558 -7.86 -35.09 26.30
C ILE A 558 -6.63 -35.46 25.49
N ARG A 559 -5.46 -35.10 25.99
CA ARG A 559 -4.19 -35.40 25.32
C ARG A 559 -3.66 -36.73 25.87
N LYS A 560 -3.74 -37.77 25.05
CA LYS A 560 -3.28 -39.09 25.45
C LYS A 560 -4.05 -39.59 26.67
N ILE B 7 27.83 8.16 -28.23
CA ILE B 7 28.15 6.86 -27.65
C ILE B 7 27.18 5.81 -28.19
N GLU B 8 27.61 4.55 -28.14
CA GLU B 8 26.80 3.43 -28.60
C GLU B 8 26.07 2.80 -27.41
N THR B 9 24.77 2.60 -27.57
CA THR B 9 23.98 2.02 -26.49
C THR B 9 24.41 0.58 -26.23
N VAL B 10 24.43 0.20 -24.95
CA VAL B 10 24.75 -1.16 -24.54
C VAL B 10 23.46 -1.99 -24.58
N PRO B 11 23.37 -3.01 -25.42
CA PRO B 11 22.11 -3.77 -25.51
C PRO B 11 21.74 -4.40 -24.19
N VAL B 12 20.56 -4.04 -23.69
CA VAL B 12 20.04 -4.55 -22.42
C VAL B 12 18.92 -5.53 -22.74
N LYS B 13 19.04 -6.75 -22.22
CA LYS B 13 18.06 -7.80 -22.45
C LYS B 13 17.34 -8.09 -21.14
N LEU B 14 16.01 -8.08 -21.19
CA LEU B 14 15.22 -8.38 -20.01
C LEU B 14 15.34 -9.86 -19.65
N LYS B 15 15.03 -10.17 -18.40
CA LYS B 15 15.14 -11.55 -17.94
C LYS B 15 14.28 -12.45 -18.82
N PRO B 16 14.81 -13.58 -19.32
CA PRO B 16 14.00 -14.43 -20.19
C PRO B 16 12.76 -14.94 -19.46
N GLY B 17 11.64 -15.00 -20.20
CA GLY B 17 10.39 -15.46 -19.65
C GLY B 17 9.69 -14.46 -18.75
N MET B 18 10.18 -13.23 -18.68
CA MET B 18 9.58 -12.19 -17.84
C MET B 18 9.33 -10.95 -18.68
N ASP B 19 8.21 -10.27 -18.40
CA ASP B 19 7.82 -9.08 -19.12
C ASP B 19 8.12 -7.84 -18.28
N GLY B 20 8.16 -6.69 -18.97
CA GLY B 20 8.43 -5.44 -18.32
C GLY B 20 7.48 -5.15 -17.18
N PRO B 21 7.85 -4.23 -16.30
CA PRO B 21 6.99 -3.93 -15.15
C PRO B 21 5.68 -3.29 -15.58
N LYS B 22 4.64 -3.56 -14.78
CA LYS B 22 3.33 -2.95 -14.98
C LYS B 22 2.77 -2.50 -13.63
N VAL B 23 3.62 -1.87 -12.83
CA VAL B 23 3.24 -1.47 -11.48
C VAL B 23 2.36 -0.23 -11.54
N LYS B 24 1.26 -0.27 -10.81
CA LYS B 24 0.35 0.88 -10.77
C LYS B 24 0.96 2.02 -9.98
N GLN B 25 0.72 3.24 -10.43
CA GLN B 25 1.25 4.43 -9.76
C GLN B 25 0.49 4.67 -8.46
N TRP B 26 1.23 4.83 -7.38
CA TRP B 26 0.61 5.19 -6.11
C TRP B 26 0.16 6.65 -6.14
N PRO B 27 -0.96 6.99 -5.50
CA PRO B 27 -1.40 8.39 -5.51
C PRO B 27 -0.35 9.30 -4.89
N LEU B 28 -0.24 10.50 -5.47
CA LEU B 28 0.71 11.50 -5.01
C LEU B 28 -0.03 12.78 -4.63
N THR B 29 0.52 13.50 -3.65
CA THR B 29 -0.05 14.76 -3.25
C THR B 29 0.16 15.82 -4.33
N GLU B 30 -0.69 16.85 -4.31
CA GLU B 30 -0.59 17.90 -5.31
C GLU B 30 0.78 18.56 -5.28
N GLU B 31 1.38 18.68 -4.10
CA GLU B 31 2.72 19.28 -4.01
C GLU B 31 3.74 18.43 -4.75
N LYS B 32 3.67 17.11 -4.62
CA LYS B 32 4.61 16.24 -5.32
C LYS B 32 4.31 16.17 -6.81
N ILE B 33 3.02 16.14 -7.18
CA ILE B 33 2.65 16.10 -8.60
C ILE B 33 3.13 17.37 -9.30
N LYS B 34 2.95 18.52 -8.66
CA LYS B 34 3.43 19.77 -9.25
C LYS B 34 4.94 19.76 -9.40
N ALA B 35 5.65 19.24 -8.39
CA ALA B 35 7.10 19.17 -8.47
C ALA B 35 7.54 18.23 -9.59
N LEU B 36 6.89 17.09 -9.73
CA LEU B 36 7.29 16.13 -10.75
C LEU B 36 7.11 16.71 -12.15
N VAL B 37 6.00 17.40 -12.40
CA VAL B 37 5.76 17.99 -13.70
C VAL B 37 6.81 19.06 -14.00
N GLU B 38 7.20 19.82 -12.98
CA GLU B 38 8.18 20.88 -13.19
C GLU B 38 9.53 20.31 -13.62
N ILE B 39 9.96 19.21 -12.98
CA ILE B 39 11.27 18.65 -13.28
C ILE B 39 11.21 17.67 -14.47
N CYS B 40 10.08 16.99 -14.67
CA CYS B 40 9.96 16.10 -15.81
C CYS B 40 9.87 16.86 -17.12
N THR B 41 9.20 18.02 -17.14
CA THR B 41 9.20 18.85 -18.33
C THR B 41 10.61 19.32 -18.68
N GLU B 42 11.38 19.72 -17.66
CA GLU B 42 12.78 20.08 -17.90
C GLU B 42 13.58 18.89 -18.40
N MET B 43 13.35 17.71 -17.83
CA MET B 43 14.06 16.52 -18.28
C MET B 43 13.74 16.23 -19.74
N GLU B 44 12.47 16.34 -20.12
CA GLU B 44 12.09 16.15 -21.52
C GLU B 44 12.74 17.20 -22.41
N LYS B 45 12.80 18.45 -21.94
CA LYS B 45 13.45 19.49 -22.70
C LYS B 45 14.92 19.18 -22.95
N GLU B 46 15.62 18.67 -21.93
CA GLU B 46 17.01 18.28 -22.08
C GLU B 46 17.17 16.99 -22.88
N GLY B 47 16.10 16.26 -23.12
CA GLY B 47 16.17 15.03 -23.87
C GLY B 47 16.34 13.78 -23.05
N LYS B 48 16.30 13.87 -21.72
CA LYS B 48 16.47 12.69 -20.88
C LYS B 48 15.25 11.79 -20.91
N ILE B 49 14.06 12.35 -21.10
CA ILE B 49 12.83 11.59 -21.19
C ILE B 49 12.03 12.07 -22.40
N SER B 50 11.11 11.23 -22.84
CA SER B 50 10.24 11.56 -23.96
C SER B 50 8.83 11.09 -23.66
N LYS B 51 7.84 11.91 -24.02
CA LYS B 51 6.46 11.53 -23.83
C LYS B 51 6.09 10.37 -24.76
N ILE B 52 5.23 9.49 -24.27
CA ILE B 52 4.82 8.31 -25.01
C ILE B 52 3.30 8.19 -24.97
N GLY B 53 2.77 7.42 -25.91
CA GLY B 53 1.36 7.16 -25.98
C GLY B 53 0.98 5.88 -25.25
N PRO B 54 -0.17 5.31 -25.59
CA PRO B 54 -0.59 4.04 -24.98
C PRO B 54 -0.01 2.80 -25.65
N GLU B 55 1.02 2.95 -26.49
CA GLU B 55 1.56 1.79 -27.19
C GLU B 55 2.05 0.73 -26.21
N ASN B 56 2.83 1.14 -25.22
CA ASN B 56 3.43 0.19 -24.28
C ASN B 56 2.64 0.15 -22.98
N PRO B 57 2.40 -1.04 -22.42
CA PRO B 57 1.66 -1.15 -21.16
C PRO B 57 2.51 -1.07 -19.90
N TYR B 58 3.79 -0.75 -20.01
CA TYR B 58 4.67 -0.78 -18.85
C TYR B 58 4.54 0.51 -18.03
N ASN B 59 4.84 0.40 -16.74
CA ASN B 59 4.76 1.54 -15.84
C ASN B 59 5.47 1.25 -14.53
N THR B 60 6.27 2.20 -14.05
CA THR B 60 6.93 2.12 -12.77
C THR B 60 6.58 3.34 -11.93
N PRO B 61 6.09 3.18 -10.70
CA PRO B 61 5.70 4.36 -9.92
C PRO B 61 6.86 5.32 -9.74
N VAL B 62 6.54 6.61 -9.81
CA VAL B 62 7.52 7.67 -9.65
C VAL B 62 7.09 8.53 -8.46
N PHE B 63 8.01 8.76 -7.55
CA PHE B 63 7.79 9.60 -6.37
C PHE B 63 8.71 10.80 -6.41
N ALA B 64 8.36 11.81 -5.63
CA ALA B 64 9.18 13.01 -5.47
C ALA B 64 9.63 13.11 -4.02
N ILE B 65 10.94 13.26 -3.81
CA ILE B 65 11.52 13.35 -2.50
C ILE B 65 12.44 14.56 -2.44
N LYS B 66 12.92 14.87 -1.25
CA LYS B 66 13.86 15.96 -1.02
C LYS B 66 15.03 15.41 -0.22
N LYS B 67 16.18 15.24 -0.87
CA LYS B 67 17.35 14.70 -0.18
C LYS B 67 17.71 15.56 1.01
N LYS B 68 18.52 14.97 1.90
CA LYS B 68 18.87 15.65 3.15
C LYS B 68 19.57 16.96 2.86
N ASP B 69 19.22 17.99 3.64
CA ASP B 69 19.82 19.32 3.51
C ASP B 69 19.67 19.85 2.09
N SER B 70 18.47 19.70 1.53
CA SER B 70 18.18 20.20 0.20
C SER B 70 16.73 20.66 0.15
N THR B 71 16.50 21.74 -0.60
CA THR B 71 15.17 22.29 -0.78
C THR B 71 14.55 21.92 -2.12
N LYS B 72 15.36 21.76 -3.17
CA LYS B 72 14.84 21.40 -4.47
C LYS B 72 14.30 19.97 -4.45
N TRP B 73 13.23 19.74 -5.21
CA TRP B 73 12.62 18.43 -5.27
C TRP B 73 13.46 17.46 -6.09
N ARG B 74 13.33 16.17 -5.76
CA ARG B 74 14.11 15.10 -6.35
C ARG B 74 13.19 13.99 -6.80
N LYS B 75 13.33 13.57 -8.06
CA LYS B 75 12.51 12.50 -8.60
C LYS B 75 13.04 11.15 -8.12
N LEU B 76 12.15 10.30 -7.62
CA LEU B 76 12.47 8.97 -7.13
C LEU B 76 11.60 7.98 -7.89
N VAL B 77 12.18 7.30 -8.87
CA VAL B 77 11.47 6.31 -9.67
C VAL B 77 11.69 4.94 -9.03
N ASP B 78 10.59 4.22 -8.79
CA ASP B 78 10.63 2.92 -8.12
C ASP B 78 10.88 1.86 -9.19
N PHE B 79 12.15 1.53 -9.40
CA PHE B 79 12.55 0.49 -10.34
C PHE B 79 12.76 -0.86 -9.67
N ARG B 80 12.08 -1.11 -8.55
CA ARG B 80 12.27 -2.36 -7.84
C ARG B 80 11.84 -3.55 -8.69
N GLU B 81 10.70 -3.42 -9.37
CA GLU B 81 10.23 -4.51 -10.22
C GLU B 81 11.07 -4.65 -11.49
N LEU B 82 11.46 -3.52 -12.09
CA LEU B 82 12.33 -3.59 -13.26
C LEU B 82 13.69 -4.19 -12.90
N ASN B 83 14.22 -3.83 -11.73
CA ASN B 83 15.48 -4.41 -11.30
C ASN B 83 15.39 -5.92 -11.18
N LYS B 84 14.29 -6.43 -10.62
CA LYS B 84 14.09 -7.86 -10.54
C LYS B 84 13.96 -8.47 -11.93
N ARG B 85 13.21 -7.81 -12.83
CA ARG B 85 12.98 -8.34 -14.16
C ARG B 85 14.21 -8.29 -15.04
N THR B 86 15.27 -7.60 -14.60
CA THR B 86 16.54 -7.57 -15.33
C THR B 86 17.69 -7.91 -14.40
N GLN B 87 17.44 -8.80 -13.43
CA GLN B 87 18.43 -9.09 -12.39
C GLN B 87 19.71 -9.68 -12.98
N ASP B 88 19.60 -10.46 -14.06
CA ASP B 88 20.78 -11.09 -14.63
C ASP B 88 21.73 -10.06 -15.23
N PHE B 89 21.19 -9.02 -15.87
CA PHE B 89 22.02 -8.10 -16.63
C PHE B 89 23.02 -7.38 -15.74
N TRP B 90 22.58 -6.92 -14.58
CA TRP B 90 23.38 -6.02 -13.76
C TRP B 90 24.11 -6.72 -12.62
N GLU B 91 24.08 -8.06 -12.55
CA GLU B 91 24.80 -8.78 -11.51
C GLU B 91 25.86 -9.73 -12.06
N VAL B 92 25.56 -10.50 -13.10
CA VAL B 92 26.51 -11.44 -13.68
C VAL B 92 27.15 -10.89 -14.94
N GLN B 93 26.38 -10.24 -15.80
CA GLN B 93 26.93 -9.69 -17.03
C GLN B 93 27.85 -8.50 -16.74
N LEU B 94 27.41 -7.58 -15.89
CA LEU B 94 28.15 -6.37 -15.59
C LEU B 94 28.11 -6.01 -14.12
N GLY B 95 28.07 -7.02 -13.24
CA GLY B 95 27.98 -6.76 -11.82
C GLY B 95 29.20 -6.01 -11.31
N ILE B 96 28.99 -5.24 -10.25
CA ILE B 96 30.03 -4.44 -9.63
C ILE B 96 30.48 -5.17 -8.36
N PRO B 97 31.74 -5.61 -8.26
CA PRO B 97 32.17 -6.30 -7.03
C PRO B 97 32.12 -5.37 -5.83
N HIS B 98 31.81 -5.95 -4.68
CA HIS B 98 31.74 -5.20 -3.43
C HIS B 98 33.04 -5.36 -2.67
N PRO B 99 33.82 -4.29 -2.44
CA PRO B 99 35.04 -4.44 -1.65
C PRO B 99 34.69 -4.64 -0.17
N ALA B 100 35.42 -5.54 0.47
CA ALA B 100 35.21 -5.84 1.89
C ALA B 100 36.01 -4.93 2.81
N GLY B 101 36.49 -3.80 2.31
CA GLY B 101 37.32 -2.91 3.10
C GLY B 101 36.62 -1.69 3.64
N LEU B 102 35.64 -1.16 2.90
CA LEU B 102 34.99 0.07 3.33
C LEU B 102 34.22 -0.11 4.63
N LYS B 103 33.81 -1.33 4.95
CA LYS B 103 33.12 -1.57 6.22
C LYS B 103 34.05 -1.40 7.42
N LYS B 104 35.37 -1.42 7.19
CA LYS B 104 36.34 -1.23 8.25
C LYS B 104 36.99 0.15 8.22
N LYS B 105 36.50 1.05 7.37
CA LYS B 105 37.09 2.38 7.23
C LYS B 105 36.50 3.33 8.25
N LYS B 106 37.32 4.30 8.67
CA LYS B 106 36.88 5.25 9.68
C LYS B 106 35.71 6.09 9.17
N SER B 107 35.80 6.57 7.93
CA SER B 107 34.77 7.40 7.33
C SER B 107 34.42 6.87 5.95
N VAL B 108 33.13 6.85 5.63
CA VAL B 108 32.63 6.39 4.35
C VAL B 108 31.62 7.44 3.86
N THR B 109 32.10 8.36 3.03
CA THR B 109 31.21 9.37 2.45
C THR B 109 30.38 8.77 1.34
N VAL B 110 29.14 9.23 1.21
CA VAL B 110 28.19 8.71 0.23
C VAL B 110 27.86 9.85 -0.72
N LEU B 111 28.58 9.91 -1.84
CA LEU B 111 28.30 10.90 -2.87
C LEU B 111 27.07 10.51 -3.67
N ASP B 112 26.67 11.37 -4.59
CA ASP B 112 25.52 11.14 -5.47
C ASP B 112 25.99 11.33 -6.90
N VAL B 113 26.47 10.26 -7.52
CA VAL B 113 26.95 10.28 -8.89
C VAL B 113 25.89 9.81 -9.88
N GLY B 114 24.62 9.84 -9.47
CA GLY B 114 23.54 9.42 -10.34
C GLY B 114 23.20 10.39 -11.45
N ASP B 115 23.76 11.60 -11.41
CA ASP B 115 23.56 12.58 -12.46
C ASP B 115 24.43 12.31 -13.68
N ALA B 116 25.46 11.47 -13.56
CA ALA B 116 26.31 11.15 -14.69
C ALA B 116 25.70 10.07 -15.59
N TYR B 117 24.69 9.35 -15.11
CA TYR B 117 24.06 8.34 -15.94
C TYR B 117 23.29 8.97 -17.10
N PHE B 118 22.77 10.18 -16.92
CA PHE B 118 21.98 10.82 -17.96
C PHE B 118 22.81 11.22 -19.17
N SER B 119 24.13 11.15 -19.09
CA SER B 119 24.98 11.41 -20.25
C SER B 119 25.14 10.18 -21.14
N VAL B 120 24.64 9.02 -20.72
CA VAL B 120 24.77 7.77 -21.45
C VAL B 120 23.40 7.42 -22.03
N PRO B 121 23.25 7.33 -23.35
CA PRO B 121 21.95 6.94 -23.90
C PRO B 121 21.58 5.53 -23.52
N LEU B 122 20.28 5.27 -23.42
CA LEU B 122 19.74 3.97 -23.09
C LEU B 122 19.38 3.21 -24.35
N ASP B 123 19.48 1.88 -24.28
CA ASP B 123 19.14 1.04 -25.43
C ASP B 123 17.69 1.28 -25.85
N GLU B 124 17.49 1.51 -27.14
CA GLU B 124 16.16 1.87 -27.62
C GLU B 124 15.16 0.75 -27.36
N ASP B 125 15.57 -0.50 -27.57
CA ASP B 125 14.68 -1.63 -27.33
C ASP B 125 14.32 -1.80 -25.85
N PHE B 126 15.04 -1.13 -24.95
CA PHE B 126 14.77 -1.24 -23.52
C PHE B 126 14.03 -0.04 -22.95
N ARG B 127 13.99 1.08 -23.67
CA ARG B 127 13.32 2.27 -23.15
C ARG B 127 11.86 2.02 -22.87
N LYS B 128 11.25 1.02 -23.52
CA LYS B 128 9.83 0.75 -23.29
C LYS B 128 9.57 0.39 -21.83
N TYR B 129 10.43 -0.44 -21.25
CA TYR B 129 10.21 -0.90 -19.88
C TYR B 129 10.44 0.21 -18.85
N THR B 130 11.26 1.20 -19.17
CA THR B 130 11.54 2.31 -18.26
C THR B 130 10.53 3.45 -18.45
N ALA B 131 9.25 3.12 -18.34
CA ALA B 131 8.17 4.09 -18.51
C ALA B 131 7.49 4.34 -17.18
N PHE B 132 7.11 5.60 -16.94
CA PHE B 132 6.45 5.98 -15.71
C PHE B 132 5.37 7.01 -16.03
N THR B 133 4.37 7.06 -15.16
CA THR B 133 3.22 7.95 -15.32
C THR B 133 3.19 8.94 -14.15
N ILE B 134 2.98 10.21 -14.47
CA ILE B 134 2.81 11.25 -13.46
C ILE B 134 1.30 11.36 -13.18
N PRO B 135 0.85 11.02 -11.97
CA PRO B 135 -0.59 11.00 -11.72
C PRO B 135 -1.19 12.40 -11.68
N SER B 136 -2.52 12.49 -11.74
CA SER B 136 -3.24 13.75 -11.64
C SER B 136 -4.20 13.68 -10.46
N ILE B 137 -4.27 14.77 -9.70
CA ILE B 137 -5.17 14.81 -8.55
C ILE B 137 -6.61 14.66 -9.03
N ASN B 138 -7.34 13.73 -8.42
CA ASN B 138 -8.72 13.42 -8.76
C ASN B 138 -8.86 12.81 -10.14
N ASN B 139 -7.77 12.43 -10.79
CA ASN B 139 -7.82 11.86 -12.13
C ASN B 139 -8.50 12.81 -13.11
N GLU B 140 -8.34 14.12 -12.90
CA GLU B 140 -8.95 15.09 -13.80
C GLU B 140 -8.48 14.88 -15.23
N THR B 141 -7.17 15.03 -15.45
CA THR B 141 -6.57 14.80 -16.76
C THR B 141 -5.74 13.53 -16.72
N PRO B 142 -5.55 12.87 -17.87
CA PRO B 142 -4.72 11.64 -17.87
C PRO B 142 -3.30 11.94 -17.41
N GLY B 143 -2.74 11.00 -16.66
CA GLY B 143 -1.37 11.16 -16.22
C GLY B 143 -0.41 11.24 -17.39
N ILE B 144 0.68 11.97 -17.18
CA ILE B 144 1.67 12.18 -18.23
C ILE B 144 2.63 10.99 -18.23
N ARG B 145 2.77 10.35 -19.38
CA ARG B 145 3.60 9.16 -19.52
C ARG B 145 4.92 9.54 -20.19
N TYR B 146 6.03 9.03 -19.64
CA TYR B 146 7.36 9.37 -20.11
C TYR B 146 8.20 8.11 -20.24
N GLN B 147 9.24 8.21 -21.06
CA GLN B 147 10.27 7.19 -21.19
C GLN B 147 11.60 7.76 -20.70
N TYR B 148 12.66 6.96 -20.87
CA TYR B 148 14.02 7.38 -20.54
C TYR B 148 14.90 7.22 -21.77
N ASN B 149 15.19 8.32 -22.44
CA ASN B 149 16.13 8.29 -23.55
C ASN B 149 17.57 8.10 -23.09
N VAL B 150 17.83 8.22 -21.79
CA VAL B 150 19.16 8.05 -21.22
C VAL B 150 19.06 7.04 -20.08
N LEU B 151 20.21 6.67 -19.55
CA LEU B 151 20.25 5.66 -18.50
C LEU B 151 19.45 6.14 -17.29
N PRO B 152 18.37 5.45 -16.89
CA PRO B 152 17.66 5.88 -15.69
C PRO B 152 18.54 5.69 -14.46
N GLN B 153 18.40 6.63 -13.51
CA GLN B 153 19.10 6.54 -12.24
C GLN B 153 18.12 6.05 -11.18
N GLY B 154 18.58 5.10 -10.36
CA GLY B 154 17.70 4.28 -9.56
C GLY B 154 17.45 2.91 -10.17
N TRP B 155 17.81 2.72 -11.43
CA TRP B 155 17.79 1.41 -12.08
C TRP B 155 19.15 0.76 -11.91
N LYS B 156 19.16 -0.48 -11.40
CA LYS B 156 20.41 -1.13 -11.06
C LYS B 156 21.28 -1.41 -12.29
N GLY B 157 20.71 -1.34 -13.50
CA GLY B 157 21.50 -1.56 -14.69
C GLY B 157 22.31 -0.36 -15.14
N SER B 158 21.88 0.86 -14.77
CA SER B 158 22.62 2.05 -15.19
C SER B 158 24.03 2.10 -14.60
N PRO B 159 24.25 1.87 -13.30
CA PRO B 159 25.64 1.83 -12.82
C PRO B 159 26.45 0.73 -13.48
N ALA B 160 25.84 -0.41 -13.76
CA ALA B 160 26.55 -1.49 -14.42
C ALA B 160 27.00 -1.08 -15.82
N ILE B 161 26.13 -0.40 -16.57
CA ILE B 161 26.50 0.09 -17.89
C ILE B 161 27.51 1.21 -17.78
N PHE B 162 27.34 2.09 -16.79
CA PHE B 162 28.20 3.25 -16.64
C PHE B 162 29.51 2.95 -15.91
N GLN B 163 29.64 1.76 -15.33
CA GLN B 163 30.87 1.45 -14.60
C GLN B 163 32.09 1.50 -15.52
N SER B 164 31.91 1.19 -16.81
CA SER B 164 33.02 1.29 -17.75
C SER B 164 33.55 2.70 -17.83
N SER B 165 32.64 3.69 -17.88
CA SER B 165 33.06 5.09 -17.87
C SER B 165 33.47 5.55 -16.48
N MET B 166 32.82 5.02 -15.44
CA MET B 166 33.14 5.44 -14.08
C MET B 166 34.58 5.07 -13.71
N THR B 167 35.01 3.87 -14.08
CA THR B 167 36.38 3.45 -13.77
C THR B 167 37.38 4.39 -14.40
N LYS B 168 37.20 4.73 -15.68
CA LYS B 168 38.10 5.67 -16.32
C LYS B 168 38.12 7.01 -15.61
N ILE B 169 36.97 7.44 -15.08
CA ILE B 169 36.92 8.69 -14.33
C ILE B 169 37.72 8.59 -13.04
N LEU B 170 37.54 7.48 -12.31
CA LEU B 170 38.13 7.34 -10.98
C LEU B 170 39.54 6.75 -11.00
N GLU B 171 39.95 6.13 -12.11
CA GLU B 171 41.30 5.54 -12.14
C GLU B 171 42.39 6.56 -11.89
N PRO B 172 42.41 7.72 -12.54
CA PRO B 172 43.45 8.71 -12.20
C PRO B 172 43.41 9.14 -10.75
N PHE B 173 42.22 9.21 -10.14
CA PHE B 173 42.14 9.55 -8.72
C PHE B 173 42.64 8.41 -7.85
N LYS B 174 42.23 7.18 -8.16
CA LYS B 174 42.59 6.04 -7.32
C LYS B 174 44.08 5.77 -7.31
N LYS B 175 44.74 6.01 -8.45
CA LYS B 175 46.18 5.81 -8.55
C LYS B 175 46.91 6.65 -7.51
N GLN B 176 46.56 7.92 -7.43
CA GLN B 176 47.18 8.83 -6.48
C GLN B 176 46.69 8.63 -5.06
N ASN B 177 45.58 7.92 -4.87
CA ASN B 177 44.99 7.69 -3.54
C ASN B 177 44.64 6.21 -3.42
N PRO B 178 45.65 5.34 -3.34
CA PRO B 178 45.37 3.90 -3.26
C PRO B 178 44.65 3.48 -2.00
N ASP B 179 44.68 4.29 -0.94
CA ASP B 179 44.08 3.91 0.33
C ASP B 179 42.58 4.21 0.40
N ILE B 180 42.00 4.78 -0.64
CA ILE B 180 40.58 5.13 -0.67
C ILE B 180 39.83 3.99 -1.35
N VAL B 181 38.80 3.48 -0.68
CA VAL B 181 37.96 2.41 -1.22
C VAL B 181 36.69 3.08 -1.73
N ILE B 182 36.54 3.14 -3.05
CA ILE B 182 35.39 3.75 -3.70
C ILE B 182 34.48 2.64 -4.19
N TYR B 183 33.21 2.69 -3.79
CA TYR B 183 32.24 1.65 -4.15
C TYR B 183 30.90 2.32 -4.38
N GLN B 184 30.34 2.15 -5.58
CA GLN B 184 29.02 2.65 -5.92
C GLN B 184 28.05 1.48 -6.02
N TYR B 185 26.89 1.62 -5.37
CA TYR B 185 25.91 0.53 -5.34
C TYR B 185 24.88 0.69 -6.45
N MET B 186 24.08 1.75 -6.40
CA MET B 186 23.11 2.03 -7.44
C MET B 186 23.33 3.39 -8.08
N ASP B 187 23.36 4.46 -7.29
CA ASP B 187 23.62 5.80 -7.79
C ASP B 187 24.61 6.58 -6.95
N ASP B 188 24.91 6.13 -5.74
CA ASP B 188 25.84 6.82 -4.86
C ASP B 188 27.26 6.33 -5.12
N LEU B 189 28.20 6.86 -4.32
CA LEU B 189 29.61 6.48 -4.45
C LEU B 189 30.19 6.47 -3.03
N TYR B 190 30.19 5.29 -2.42
CA TYR B 190 30.62 5.13 -1.04
C TYR B 190 32.14 5.22 -1.00
N VAL B 191 32.65 6.39 -0.69
CA VAL B 191 34.09 6.66 -0.66
C VAL B 191 34.58 6.45 0.76
N GLY B 192 35.33 5.38 0.98
CA GLY B 192 35.84 5.03 2.30
C GLY B 192 37.33 5.30 2.41
N SER B 193 37.72 5.90 3.53
CA SER B 193 39.12 6.21 3.78
C SER B 193 39.38 6.17 5.29
N ASP B 194 40.60 5.82 5.65
CA ASP B 194 41.02 5.76 7.04
C ASP B 194 41.64 7.07 7.53
N LEU B 195 41.69 8.09 6.68
CA LEU B 195 42.25 9.37 7.08
C LEU B 195 41.36 10.06 8.11
N GLU B 196 41.94 11.01 8.82
CA GLU B 196 41.18 11.77 9.79
C GLU B 196 40.04 12.52 9.11
N ILE B 197 39.10 13.00 9.93
CA ILE B 197 37.92 13.67 9.39
C ILE B 197 38.33 14.89 8.57
N GLY B 198 39.33 15.64 9.05
CA GLY B 198 39.76 16.82 8.31
C GLY B 198 40.33 16.47 6.95
N GLN B 199 41.20 15.46 6.91
CA GLN B 199 41.80 15.06 5.64
C GLN B 199 40.80 14.34 4.74
N HIS B 200 39.95 13.51 5.32
CA HIS B 200 39.01 12.74 4.51
C HIS B 200 38.08 13.65 3.72
N ARG B 201 37.58 14.71 4.36
CA ARG B 201 36.72 15.65 3.64
C ARG B 201 37.49 16.35 2.52
N THR B 202 38.77 16.63 2.74
CA THR B 202 39.59 17.22 1.67
C THR B 202 39.70 16.26 0.49
N LYS B 203 39.91 14.96 0.76
CA LYS B 203 40.00 13.99 -0.32
C LYS B 203 38.67 13.86 -1.05
N ILE B 204 37.56 13.90 -0.31
CA ILE B 204 36.25 13.87 -0.96
C ILE B 204 36.08 15.09 -1.85
N GLU B 205 36.49 16.26 -1.38
CA GLU B 205 36.45 17.45 -2.22
C GLU B 205 37.34 17.27 -3.44
N GLU B 206 38.53 16.68 -3.26
CA GLU B 206 39.39 16.38 -4.40
C GLU B 206 38.69 15.43 -5.36
N LEU B 207 38.03 14.39 -4.83
CA LEU B 207 37.27 13.49 -5.68
C LEU B 207 36.09 14.21 -6.33
N ARG B 208 35.40 15.07 -5.57
CA ARG B 208 34.30 15.82 -6.16
C ARG B 208 34.79 16.71 -7.28
N GLN B 209 35.90 17.43 -7.06
CA GLN B 209 36.49 18.20 -8.14
C GLN B 209 36.99 17.29 -9.26
N HIS B 210 37.37 16.06 -8.93
CA HIS B 210 37.74 15.09 -9.95
C HIS B 210 36.56 14.79 -10.86
N LEU B 211 35.37 14.60 -10.29
CA LEU B 211 34.19 14.27 -11.10
C LEU B 211 33.73 15.46 -11.93
N LEU B 212 33.84 16.68 -11.41
CA LEU B 212 33.34 17.84 -12.14
C LEU B 212 34.09 18.03 -13.47
N ARG B 213 35.38 17.70 -13.51
CA ARG B 213 36.13 17.89 -14.75
C ARG B 213 35.56 17.05 -15.88
N TRP B 214 34.91 15.93 -15.55
CA TRP B 214 34.20 15.12 -16.53
C TRP B 214 32.72 15.49 -16.64
N GLY B 215 32.29 16.55 -15.96
CA GLY B 215 30.91 16.99 -16.00
C GLY B 215 29.98 16.28 -15.06
N LEU B 216 30.49 15.38 -14.21
CA LEU B 216 29.66 14.64 -13.27
C LEU B 216 29.46 15.49 -12.03
N THR B 217 28.37 16.27 -12.03
CA THR B 217 28.06 17.12 -10.89
C THR B 217 27.72 16.27 -9.66
N THR B 218 28.12 16.78 -8.50
CA THR B 218 27.85 16.11 -7.24
C THR B 218 27.27 17.08 -6.21
N GLY B 233 23.33 8.12 5.75
CA GLY B 233 23.52 9.54 5.56
C GLY B 233 24.61 9.87 4.56
N TYR B 234 24.97 11.15 4.49
CA TYR B 234 26.02 11.57 3.56
C TYR B 234 27.38 11.02 3.96
N GLU B 235 27.65 10.93 5.26
CA GLU B 235 28.90 10.38 5.77
C GLU B 235 28.59 9.33 6.84
N LEU B 236 29.33 8.23 6.78
CA LEU B 236 29.15 7.11 7.70
C LEU B 236 30.49 6.81 8.39
N HIS B 237 30.40 6.07 9.50
CA HIS B 237 31.56 5.66 10.27
C HIS B 237 31.46 4.16 10.53
N PRO B 238 31.79 3.34 9.52
CA PRO B 238 31.66 1.89 9.70
C PRO B 238 32.46 1.34 10.87
N ASP B 239 33.64 1.91 11.15
CA ASP B 239 34.46 1.41 12.25
C ASP B 239 33.79 1.63 13.60
N LYS B 240 32.78 2.49 13.68
CA LYS B 240 32.08 2.77 14.92
C LYS B 240 30.76 2.01 15.04
N TRP B 241 30.56 1.00 14.19
CA TRP B 241 29.36 0.19 14.22
C TRP B 241 29.63 -1.09 14.98
N THR B 242 28.82 -1.35 16.02
CA THR B 242 28.93 -2.56 16.82
C THR B 242 27.54 -3.14 17.02
N VAL B 243 27.40 -4.44 16.81
CA VAL B 243 26.11 -5.10 16.99
C VAL B 243 25.73 -5.08 18.46
N GLN B 244 24.49 -4.72 18.75
CA GLN B 244 24.01 -4.72 20.13
C GLN B 244 23.63 -6.15 20.53
N PRO B 245 24.30 -6.74 21.51
CA PRO B 245 23.99 -8.13 21.87
C PRO B 245 22.77 -8.20 22.81
N ILE B 246 22.22 -9.41 22.89
CA ILE B 246 21.14 -9.67 23.84
C ILE B 246 21.71 -9.61 25.25
N VAL B 247 21.10 -8.80 26.11
CA VAL B 247 21.54 -8.63 27.48
C VAL B 247 20.41 -9.05 28.41
N LEU B 248 20.74 -9.92 29.36
CA LEU B 248 19.75 -10.36 30.33
C LEU B 248 19.62 -9.35 31.46
N PRO B 249 18.44 -9.23 32.07
CA PRO B 249 18.29 -8.31 33.20
C PRO B 249 19.18 -8.73 34.37
N GLU B 250 19.68 -7.73 35.08
CA GLU B 250 20.50 -7.95 36.27
C GLU B 250 19.85 -7.21 37.44
N LYS B 251 19.65 -7.93 38.54
CA LYS B 251 19.05 -7.34 39.73
C LYS B 251 19.46 -8.14 40.95
N ASP B 252 19.46 -7.48 42.10
CA ASP B 252 19.85 -8.15 43.34
C ASP B 252 18.79 -9.16 43.77
N SER B 253 17.52 -8.80 43.68
CA SER B 253 16.41 -9.66 44.09
C SER B 253 15.61 -10.06 42.87
N TRP B 254 15.39 -11.37 42.71
CA TRP B 254 14.64 -11.91 41.59
C TRP B 254 13.27 -12.37 42.08
N THR B 255 12.23 -11.93 41.38
CA THR B 255 10.86 -12.36 41.67
C THR B 255 10.47 -13.49 40.73
N VAL B 256 9.38 -14.16 41.07
CA VAL B 256 8.92 -15.29 40.26
C VAL B 256 8.65 -14.84 38.83
N ASN B 257 8.06 -13.66 38.67
CA ASN B 257 7.82 -13.13 37.33
C ASN B 257 9.13 -12.87 36.60
N ASP B 258 10.13 -12.33 37.31
CA ASP B 258 11.41 -12.05 36.68
C ASP B 258 12.07 -13.33 36.18
N ILE B 259 12.03 -14.39 36.97
CA ILE B 259 12.57 -15.67 36.53
C ILE B 259 11.77 -16.20 35.35
N GLN B 260 10.44 -16.10 35.43
CA GLN B 260 9.60 -16.57 34.32
C GLN B 260 9.89 -15.79 33.05
N LYS B 261 10.02 -14.46 33.17
CA LYS B 261 10.39 -13.66 32.01
C LYS B 261 11.78 -14.03 31.51
N LEU B 262 12.72 -14.24 32.44
CA LEU B 262 14.08 -14.60 32.06
C LEU B 262 14.11 -15.96 31.36
N VAL B 263 13.40 -16.95 31.91
CA VAL B 263 13.41 -18.28 31.32
C VAL B 263 12.78 -18.26 29.94
N GLY B 264 11.69 -17.51 29.78
CA GLY B 264 11.08 -17.38 28.46
C GLY B 264 12.01 -16.73 27.46
N LYS B 265 12.75 -15.71 27.89
CA LYS B 265 13.70 -15.05 27.01
C LYS B 265 14.87 -15.98 26.68
N LEU B 266 15.44 -16.63 27.70
CA LEU B 266 16.55 -17.55 27.45
C LEU B 266 16.09 -18.74 26.62
N ASN B 267 14.89 -19.25 26.87
CA ASN B 267 14.38 -20.37 26.09
C ASN B 267 14.26 -20.00 24.61
N TRP B 268 13.76 -18.80 24.33
CA TRP B 268 13.71 -18.33 22.94
C TRP B 268 15.11 -18.11 22.39
N ALA B 269 16.02 -17.57 23.21
CA ALA B 269 17.39 -17.34 22.77
C ALA B 269 18.13 -18.64 22.49
N SER B 270 17.65 -19.77 23.02
CA SER B 270 18.29 -21.05 22.73
C SER B 270 18.24 -21.37 21.25
N GLN B 271 17.22 -20.88 20.54
CA GLN B 271 17.16 -21.08 19.10
C GLN B 271 18.29 -20.38 18.39
N ILE B 272 18.79 -19.28 18.95
CA ILE B 272 19.87 -18.51 18.35
C ILE B 272 21.20 -19.05 18.85
N TYR B 273 21.37 -19.11 20.17
CA TYR B 273 22.58 -19.62 20.77
C TYR B 273 22.32 -21.02 21.31
N PRO B 274 22.87 -22.07 20.70
CA PRO B 274 22.60 -23.43 21.21
C PRO B 274 23.09 -23.66 22.62
N GLY B 275 24.05 -22.88 23.11
CA GLY B 275 24.59 -23.07 24.44
C GLY B 275 23.75 -22.53 25.57
N ILE B 276 22.65 -21.83 25.26
CA ILE B 276 21.80 -21.28 26.31
C ILE B 276 21.02 -22.40 26.96
N LYS B 277 21.00 -22.41 28.30
CA LYS B 277 20.28 -23.41 29.07
C LYS B 277 19.35 -22.70 30.05
N VAL B 278 18.22 -23.33 30.36
CA VAL B 278 17.30 -22.81 31.35
C VAL B 278 16.95 -23.88 32.36
N ARG B 279 17.86 -24.84 32.56
CA ARG B 279 17.56 -25.97 33.44
C ARG B 279 17.48 -25.53 34.89
N GLN B 280 18.58 -25.01 35.43
CA GLN B 280 18.60 -24.61 36.83
C GLN B 280 17.64 -23.45 37.10
N LEU B 281 17.49 -22.55 36.14
CA LEU B 281 16.54 -21.45 36.33
C LEU B 281 15.13 -21.97 36.48
N SER B 282 14.75 -22.98 35.69
CA SER B 282 13.42 -23.56 35.83
C SER B 282 13.26 -24.31 37.14
N LYS B 283 14.34 -24.87 37.67
CA LYS B 283 14.26 -25.58 38.95
C LYS B 283 13.82 -24.67 40.09
N LEU B 284 13.94 -23.35 39.92
CA LEU B 284 13.48 -22.43 40.94
C LEU B 284 11.96 -22.33 40.94
N LEU B 285 11.32 -22.52 39.79
CA LEU B 285 9.86 -22.46 39.67
C LEU B 285 9.33 -23.88 39.65
N ARG B 286 9.19 -24.46 40.83
CA ARG B 286 8.69 -25.83 40.99
C ARG B 286 7.20 -25.86 41.28
N GLY B 287 6.78 -25.21 42.37
CA GLY B 287 5.39 -25.17 42.75
C GLY B 287 4.66 -23.99 42.13
N THR B 288 3.41 -23.82 42.56
CA THR B 288 2.58 -22.70 42.12
C THR B 288 2.82 -21.54 43.08
N LYS B 289 3.45 -20.48 42.59
CA LYS B 289 3.89 -19.37 43.42
C LYS B 289 3.37 -18.05 42.85
N ALA B 290 3.27 -17.06 43.73
CA ALA B 290 2.87 -15.72 43.31
C ALA B 290 3.91 -15.11 42.39
N LEU B 291 3.45 -14.33 41.41
CA LEU B 291 4.37 -13.69 40.48
C LEU B 291 5.25 -12.67 41.17
N THR B 292 4.86 -12.16 42.33
CA THR B 292 5.64 -11.19 43.07
C THR B 292 6.53 -11.82 44.14
N GLU B 293 6.50 -13.15 44.28
CA GLU B 293 7.33 -13.79 45.29
C GLU B 293 8.80 -13.67 44.92
N VAL B 294 9.61 -13.30 45.91
CA VAL B 294 11.05 -13.15 45.70
C VAL B 294 11.70 -14.52 45.78
N ILE B 295 12.37 -14.92 44.71
CA ILE B 295 13.02 -16.23 44.62
C ILE B 295 14.53 -16.03 44.78
N PRO B 296 15.13 -16.49 45.88
CA PRO B 296 16.59 -16.38 46.01
C PRO B 296 17.30 -17.39 45.12
N LEU B 297 18.07 -16.90 44.15
CA LEU B 297 18.76 -17.77 43.23
C LEU B 297 19.71 -18.71 43.98
N THR B 298 19.64 -19.99 43.64
CA THR B 298 20.54 -20.96 44.24
C THR B 298 21.94 -20.83 43.63
N GLU B 299 22.91 -21.46 44.29
CA GLU B 299 24.28 -21.41 43.78
C GLU B 299 24.37 -22.00 42.39
N GLU B 300 23.72 -23.16 42.16
CA GLU B 300 23.71 -23.75 40.83
C GLU B 300 22.99 -22.85 39.83
N ALA B 301 21.86 -22.28 40.24
CA ALA B 301 21.12 -21.41 39.33
C ALA B 301 21.92 -20.17 38.99
N GLU B 302 22.59 -19.57 39.97
CA GLU B 302 23.39 -18.37 39.71
C GLU B 302 24.53 -18.67 38.75
N LEU B 303 25.22 -19.80 38.94
CA LEU B 303 26.31 -20.16 38.05
C LEU B 303 25.81 -20.35 36.62
N GLU B 304 24.67 -21.03 36.46
CA GLU B 304 24.15 -21.27 35.12
C GLU B 304 23.72 -19.96 34.47
N LEU B 305 23.13 -19.05 35.24
CA LEU B 305 22.79 -17.74 34.69
C LEU B 305 24.03 -16.99 34.22
N ALA B 306 25.11 -17.05 34.99
CA ALA B 306 26.35 -16.43 34.57
C ALA B 306 26.86 -17.05 33.27
N GLU B 307 26.70 -18.36 33.11
CA GLU B 307 27.11 -19.01 31.88
C GLU B 307 26.33 -18.47 30.69
N ASN B 308 25.02 -18.25 30.86
CA ASN B 308 24.24 -17.66 29.79
C ASN B 308 24.69 -16.24 29.47
N ARG B 309 25.11 -15.48 30.49
CA ARG B 309 25.51 -14.10 30.26
C ARG B 309 26.70 -14.01 29.33
N GLU B 310 27.71 -14.86 29.52
CA GLU B 310 28.91 -14.79 28.70
C GLU B 310 28.68 -15.36 27.30
N ILE B 311 27.75 -16.32 27.16
CA ILE B 311 27.45 -16.85 25.85
C ILE B 311 26.79 -15.79 24.98
N LEU B 312 25.87 -15.00 25.55
CA LEU B 312 25.12 -14.04 24.75
C LEU B 312 26.04 -12.96 24.16
N LYS B 313 26.99 -12.48 24.95
CA LYS B 313 27.90 -11.44 24.45
C LYS B 313 28.73 -11.95 23.28
N GLU B 314 29.02 -13.24 23.25
CA GLU B 314 29.79 -13.81 22.15
C GLU B 314 28.95 -13.80 20.87
N PRO B 315 29.60 -13.78 19.71
CA PRO B 315 28.87 -13.80 18.44
C PRO B 315 28.28 -15.18 18.15
N VAL B 316 27.23 -15.17 17.32
CA VAL B 316 26.59 -16.42 16.92
C VAL B 316 27.57 -17.23 16.08
N HIS B 317 28.02 -18.37 16.61
CA HIS B 317 28.98 -19.19 15.91
C HIS B 317 28.34 -19.86 14.70
N GLY B 318 29.10 -19.96 13.62
CA GLY B 318 28.65 -20.63 12.41
C GLY B 318 27.74 -19.80 11.52
N VAL B 319 27.65 -18.49 11.76
CA VAL B 319 26.82 -17.60 10.95
C VAL B 319 27.73 -16.87 9.96
N TYR B 320 27.48 -17.08 8.67
CA TYR B 320 28.26 -16.46 7.62
C TYR B 320 27.33 -15.91 6.55
N TYR B 321 27.80 -14.89 5.85
CA TYR B 321 27.03 -14.26 4.77
C TYR B 321 27.04 -15.16 3.54
N ASP B 322 25.87 -15.42 3.00
CA ASP B 322 25.72 -16.21 1.77
C ASP B 322 25.30 -15.29 0.63
N PRO B 323 26.18 -15.01 -0.33
CA PRO B 323 25.78 -14.07 -1.40
C PRO B 323 24.54 -14.51 -2.16
N SER B 324 24.34 -15.81 -2.34
CA SER B 324 23.18 -16.28 -3.09
C SER B 324 21.88 -15.87 -2.42
N LYS B 325 21.80 -16.02 -1.10
CA LYS B 325 20.57 -15.74 -0.38
C LYS B 325 20.37 -14.24 -0.19
N ASP B 326 19.12 -13.81 -0.31
CA ASP B 326 18.77 -12.42 -0.10
C ASP B 326 18.76 -12.09 1.39
N LEU B 327 19.28 -10.92 1.74
CA LEU B 327 19.26 -10.47 3.13
C LEU B 327 17.84 -10.09 3.54
N ILE B 328 17.51 -10.39 4.79
CA ILE B 328 16.22 -10.03 5.37
C ILE B 328 16.46 -9.19 6.61
N ALA B 329 15.83 -8.03 6.68
CA ALA B 329 15.96 -7.12 7.81
C ALA B 329 14.61 -7.02 8.51
N GLU B 330 14.60 -7.36 9.80
CA GLU B 330 13.41 -7.29 10.63
C GLU B 330 13.57 -6.16 11.63
N ILE B 331 12.57 -5.29 11.72
CA ILE B 331 12.61 -4.11 12.58
C ILE B 331 11.51 -4.24 13.63
N GLN B 332 11.86 -3.92 14.87
CA GLN B 332 10.93 -3.96 15.99
C GLN B 332 10.87 -2.59 16.65
N LYS B 333 9.66 -2.19 17.04
CA LYS B 333 9.45 -0.90 17.71
C LYS B 333 9.53 -1.12 19.20
N GLN B 334 10.65 -0.70 19.82
CA GLN B 334 10.85 -0.87 21.25
C GLN B 334 10.22 0.23 22.08
N GLY B 335 9.65 1.25 21.44
CA GLY B 335 9.01 2.33 22.15
C GLY B 335 10.00 3.39 22.62
N GLN B 336 9.45 4.56 22.96
CA GLN B 336 10.26 5.70 23.40
C GLN B 336 11.27 6.11 22.34
N GLY B 337 10.92 5.93 21.07
CA GLY B 337 11.81 6.30 19.98
C GLY B 337 12.94 5.34 19.73
N GLN B 338 12.91 4.14 20.31
CA GLN B 338 13.95 3.14 20.15
C GLN B 338 13.45 2.03 19.25
N TRP B 339 14.27 1.67 18.25
CA TRP B 339 13.96 0.60 17.32
C TRP B 339 15.12 -0.39 17.29
N THR B 340 14.80 -1.68 17.27
CA THR B 340 15.78 -2.74 17.16
C THR B 340 15.59 -3.47 15.84
N TYR B 341 16.69 -3.72 15.15
CA TYR B 341 16.65 -4.39 13.86
C TYR B 341 17.65 -5.54 13.85
N GLN B 342 17.37 -6.52 13.00
CA GLN B 342 18.24 -7.68 12.82
C GLN B 342 18.28 -8.03 11.34
N ILE B 343 19.49 -8.14 10.79
CA ILE B 343 19.69 -8.49 9.40
C ILE B 343 20.14 -9.95 9.34
N TYR B 344 19.37 -10.77 8.65
CA TYR B 344 19.63 -12.21 8.59
C TYR B 344 19.25 -12.74 7.23
N GLN B 345 19.80 -13.92 6.90
CA GLN B 345 19.42 -14.66 5.70
C GLN B 345 18.60 -15.89 6.05
N GLU B 346 19.03 -16.65 7.06
CA GLU B 346 18.26 -17.75 7.62
C GLU B 346 17.74 -17.36 9.00
N PRO B 347 16.59 -17.89 9.43
CA PRO B 347 16.06 -17.52 10.74
C PRO B 347 17.05 -17.87 11.85
N PHE B 348 17.14 -16.98 12.84
CA PHE B 348 17.98 -17.17 14.02
C PHE B 348 19.47 -17.19 13.68
N LYS B 349 19.84 -16.71 12.50
CA LYS B 349 21.24 -16.63 12.09
C LYS B 349 21.61 -15.17 11.80
N ASN B 350 21.23 -14.28 12.71
CA ASN B 350 21.41 -12.85 12.51
C ASN B 350 22.83 -12.53 12.07
N LEU B 351 22.95 -11.98 10.85
CA LEU B 351 24.25 -11.49 10.40
C LEU B 351 24.64 -10.23 11.15
N LYS B 352 23.67 -9.39 11.49
CA LYS B 352 23.94 -8.15 12.21
C LYS B 352 22.68 -7.73 12.95
N THR B 353 22.78 -7.54 14.25
CA THR B 353 21.69 -7.03 15.07
C THR B 353 22.09 -5.66 15.61
N GLY B 354 21.18 -4.70 15.49
CA GLY B 354 21.48 -3.35 15.92
C GLY B 354 20.30 -2.64 16.56
N LYS B 355 20.40 -1.33 16.71
CA LYS B 355 19.36 -0.54 17.34
C LYS B 355 19.42 0.88 16.78
N TYR B 356 18.25 1.43 16.45
CA TYR B 356 18.13 2.80 15.94
C TYR B 356 17.42 3.63 16.99
N ALA B 357 18.19 4.17 17.93
CA ALA B 357 17.68 5.04 18.97
C ALA B 357 17.84 6.53 18.64
N ARG B 358 18.36 6.85 17.45
CA ARG B 358 18.58 8.25 17.10
C ARG B 358 17.25 9.01 17.05
N MET B 359 16.21 8.38 16.51
CA MET B 359 14.90 9.01 16.35
C MET B 359 15.02 10.47 15.90
N THR B 364 9.05 11.44 18.16
CA THR B 364 8.49 12.39 17.21
C THR B 364 7.37 11.74 16.39
N ASN B 365 7.76 11.01 15.35
CA ASN B 365 6.81 10.35 14.46
C ASN B 365 7.28 8.92 14.22
N ASP B 366 6.36 7.97 14.35
CA ASP B 366 6.72 6.57 14.16
C ASP B 366 7.14 6.29 12.72
N VAL B 367 6.41 6.84 11.75
CA VAL B 367 6.74 6.60 10.36
C VAL B 367 8.06 7.27 10.00
N LYS B 368 8.29 8.48 10.49
CA LYS B 368 9.57 9.15 10.25
C LYS B 368 10.72 8.35 10.83
N GLN B 369 10.55 7.84 12.05
CA GLN B 369 11.58 7.02 12.66
C GLN B 369 11.77 5.72 11.90
N LEU B 370 10.68 5.08 11.47
CA LEU B 370 10.79 3.85 10.71
C LEU B 370 11.48 4.07 9.37
N THR B 371 11.14 5.15 8.67
CA THR B 371 11.79 5.46 7.40
C THR B 371 13.28 5.71 7.61
N GLU B 372 13.63 6.47 8.65
CA GLU B 372 15.04 6.70 8.94
C GLU B 372 15.74 5.41 9.31
N ALA B 373 15.09 4.55 10.09
CA ALA B 373 15.67 3.26 10.43
C ALA B 373 15.88 2.41 9.18
N VAL B 374 14.90 2.42 8.27
CA VAL B 374 15.02 1.64 7.04
C VAL B 374 16.21 2.14 6.22
N GLN B 375 16.32 3.46 6.06
CA GLN B 375 17.43 4.02 5.30
C GLN B 375 18.77 3.74 5.98
N LYS B 376 18.83 3.88 7.31
CA LYS B 376 20.07 3.60 8.02
C LYS B 376 20.45 2.14 7.91
N ILE B 377 19.47 1.24 8.07
CA ILE B 377 19.76 -0.19 7.96
C ILE B 377 20.21 -0.54 6.56
N THR B 378 19.54 0.01 5.55
CA THR B 378 19.90 -0.28 4.17
C THR B 378 21.31 0.20 3.86
N THR B 379 21.66 1.41 4.32
CA THR B 379 23.00 1.93 4.08
C THR B 379 24.06 1.08 4.77
N GLU B 380 23.77 0.61 5.98
CA GLU B 380 24.73 -0.26 6.68
C GLU B 380 24.97 -1.55 5.91
N SER B 381 23.91 -2.15 5.38
CA SER B 381 24.06 -3.38 4.62
C SER B 381 24.81 -3.14 3.32
N ILE B 382 24.58 -1.99 2.68
CA ILE B 382 25.23 -1.71 1.40
C ILE B 382 26.74 -1.65 1.56
N VAL B 383 27.21 -1.00 2.62
CA VAL B 383 28.66 -0.89 2.83
C VAL B 383 29.26 -2.14 3.46
N ILE B 384 28.44 -3.05 3.96
CA ILE B 384 28.91 -4.30 4.56
C ILE B 384 28.78 -5.47 3.61
N TRP B 385 27.63 -5.60 2.95
CA TRP B 385 27.38 -6.72 2.04
C TRP B 385 27.09 -6.30 0.61
N GLY B 386 27.00 -5.00 0.33
CA GLY B 386 26.79 -4.54 -1.02
C GLY B 386 25.43 -4.87 -1.59
N LYS B 387 24.41 -5.00 -0.75
CA LYS B 387 23.08 -5.35 -1.22
C LYS B 387 22.06 -4.95 -0.17
N THR B 388 20.97 -4.32 -0.60
CA THR B 388 19.92 -3.95 0.33
C THR B 388 19.18 -5.21 0.82
N PRO B 389 18.66 -5.19 2.04
CA PRO B 389 17.91 -6.35 2.55
C PRO B 389 16.42 -6.22 2.27
N LYS B 390 15.72 -7.34 2.48
CA LYS B 390 14.26 -7.36 2.43
C LYS B 390 13.75 -7.00 3.81
N PHE B 391 12.91 -5.96 3.88
CA PHE B 391 12.51 -5.37 5.14
C PHE B 391 11.15 -5.90 5.58
N LYS B 392 11.08 -6.33 6.84
CA LYS B 392 9.82 -6.75 7.47
C LYS B 392 9.39 -5.61 8.38
N LEU B 393 8.69 -4.64 7.81
CA LEU B 393 8.36 -3.41 8.53
C LEU B 393 7.21 -3.66 9.50
N PRO B 394 7.34 -3.25 10.77
CA PRO B 394 6.20 -3.35 11.70
C PRO B 394 5.24 -2.17 11.56
N ILE B 395 4.57 -2.11 10.42
CA ILE B 395 3.70 -1.00 10.09
C ILE B 395 2.62 -1.47 9.13
N GLN B 396 1.47 -0.81 9.18
CA GLN B 396 0.39 -1.13 8.26
C GLN B 396 0.80 -0.81 6.82
N LYS B 397 0.32 -1.64 5.90
CA LYS B 397 0.63 -1.49 4.48
C LYS B 397 0.19 -0.14 3.90
N GLU B 398 -0.97 0.34 4.32
CA GLU B 398 -1.48 1.61 3.80
C GLU B 398 -0.80 2.79 4.49
N THR B 399 -0.53 2.69 5.79
CA THR B 399 0.12 3.79 6.50
C THR B 399 1.51 4.04 5.95
N TRP B 400 2.29 2.99 5.73
CA TRP B 400 3.63 3.15 5.17
C TRP B 400 3.59 3.68 3.75
N GLU B 401 2.79 3.03 2.90
CA GLU B 401 2.75 3.40 1.49
C GLU B 401 2.32 4.85 1.29
N THR B 402 1.64 5.45 2.25
CA THR B 402 1.18 6.83 2.14
C THR B 402 2.20 7.83 2.65
N TRP B 403 2.92 7.50 3.72
CA TRP B 403 3.78 8.45 4.41
C TRP B 403 5.26 8.16 4.28
N TRP B 404 5.65 7.07 3.63
CA TRP B 404 7.07 6.74 3.52
C TRP B 404 7.81 7.68 2.58
N THR B 405 7.11 8.30 1.63
CA THR B 405 7.75 9.21 0.69
C THR B 405 7.97 10.60 1.26
N GLU B 406 7.31 10.95 2.37
CA GLU B 406 7.49 12.26 2.96
C GLU B 406 8.80 12.38 3.75
N TYR B 407 9.42 11.25 4.10
CA TYR B 407 10.66 11.25 4.85
C TYR B 407 11.79 10.50 4.14
N TRP B 408 11.52 9.85 3.02
CA TRP B 408 12.57 9.16 2.28
C TRP B 408 13.56 10.17 1.70
N GLN B 409 14.85 9.83 1.80
CA GLN B 409 15.89 10.70 1.27
C GLN B 409 16.98 9.93 0.54
N ALA B 410 16.79 8.63 0.29
CA ALA B 410 17.77 7.80 -0.39
C ALA B 410 17.33 7.53 -1.82
N THR B 411 18.27 7.63 -2.76
CA THR B 411 17.95 7.41 -4.15
C THR B 411 17.45 5.99 -4.39
N TRP B 412 18.08 5.01 -3.75
CA TRP B 412 17.65 3.63 -3.88
C TRP B 412 16.40 3.37 -3.05
N ILE B 413 15.72 2.27 -3.37
CA ILE B 413 14.54 1.85 -2.63
C ILE B 413 14.64 0.35 -2.41
N PRO B 414 14.57 -0.13 -1.16
CA PRO B 414 14.66 -1.57 -0.91
C PRO B 414 13.30 -2.25 -1.01
N GLU B 415 13.34 -3.57 -1.05
CA GLU B 415 12.11 -4.36 -1.00
C GLU B 415 11.68 -4.53 0.45
N TRP B 416 10.41 -4.25 0.72
CA TRP B 416 9.87 -4.41 2.06
C TRP B 416 8.58 -5.22 2.02
N GLU B 417 8.31 -5.89 3.13
CA GLU B 417 7.04 -6.55 3.38
C GLU B 417 6.58 -6.18 4.78
N PHE B 418 5.27 -6.24 4.99
CA PHE B 418 4.66 -5.82 6.25
C PHE B 418 4.25 -7.06 7.04
N VAL B 419 4.68 -7.11 8.30
CA VAL B 419 4.46 -8.27 9.16
C VAL B 419 3.88 -7.81 10.49
N ASN B 420 3.26 -8.75 11.19
CA ASN B 420 2.72 -8.52 12.52
C ASN B 420 3.75 -9.02 13.53
N THR B 421 4.41 -8.09 14.21
CA THR B 421 5.46 -8.45 15.15
C THR B 421 4.88 -9.28 16.30
N PRO B 422 5.36 -10.49 16.54
CA PRO B 422 4.94 -11.25 17.71
C PRO B 422 5.29 -10.50 18.99
N PRO B 423 4.46 -10.59 20.03
CA PRO B 423 4.74 -9.83 21.25
C PRO B 423 6.02 -10.23 21.95
N LEU B 424 6.52 -11.44 21.73
CA LEU B 424 7.67 -11.96 22.46
C LEU B 424 8.97 -11.84 21.69
N VAL B 425 8.95 -11.33 20.46
CA VAL B 425 10.18 -11.01 19.75
C VAL B 425 10.54 -9.54 19.89
N LYS B 426 9.59 -8.69 20.29
CA LYS B 426 9.90 -7.30 20.60
C LYS B 426 10.81 -7.17 21.81
N LEU B 427 11.00 -8.25 22.56
CA LEU B 427 11.85 -8.24 23.75
C LEU B 427 13.32 -8.51 23.43
N TRP B 428 13.75 -8.21 22.20
CA TRP B 428 15.19 -8.19 21.92
C TRP B 428 15.91 -7.30 22.91
N TYR B 429 15.32 -6.16 23.25
CA TYR B 429 15.73 -5.35 24.39
C TYR B 429 14.51 -5.14 25.27
N GLN B 430 14.68 -5.37 26.58
CA GLN B 430 13.57 -5.25 27.52
C GLN B 430 12.89 -3.89 27.41
P G47 D 34 -24.02 -15.17 -11.67
O1P G47 D 34 -25.13 -15.48 -12.60
O2P G47 D 34 -22.72 -14.68 -12.18
O5' G47 D 34 -24.54 -14.09 -10.61
C5' G47 D 34 -25.51 -14.44 -9.64
C4' G47 D 34 -25.60 -13.41 -8.56
O4' G47 D 34 -24.40 -13.39 -7.77
C3' G47 D 34 -25.76 -11.98 -9.03
O3' G47 D 34 -27.09 -11.69 -9.39
C2' G47 D 34 -25.24 -11.17 -7.84
C1' G47 D 34 -24.16 -12.09 -7.29
N9 G47 D 34 -22.81 -11.67 -7.68
C8 G47 D 34 -22.07 -12.14 -8.74
N7 G47 D 34 -20.90 -11.57 -8.83
C5 G47 D 34 -20.87 -10.68 -7.77
C6 G47 D 34 -19.86 -9.79 -7.37
O6 G47 D 34 -18.75 -9.60 -7.89
N1 G47 D 34 -20.22 -9.06 -6.25
C2 G47 D 34 -21.42 -9.19 -5.59
N2 G47 D 34 -21.61 -8.41 -4.52
N3 G47 D 34 -22.39 -10.02 -5.97
C4 G47 D 34 -22.04 -10.73 -7.05
C6A G47 D 34 -22.95 -7.99 -4.18
C7A G47 D 34 -23.50 -8.87 -3.05
SG G47 D 34 -24.66 -7.90 -2.07
MG MG E . -0.99 -27.06 26.41
CL EFZ F . -20.77 19.74 -13.34
F1 EFZ F . -14.26 19.88 -16.02
F2 EFZ F . -15.21 21.77 -15.17
F3 EFZ F . -16.51 20.20 -16.20
O1 EFZ F . -13.16 21.54 -12.41
O2 EFZ F . -14.43 19.90 -13.20
N EFZ F . -15.36 21.77 -12.15
C1 EFZ F . -16.65 21.30 -12.43
C2 EFZ F . -17.76 21.87 -11.82
C3 EFZ F . -19.01 21.39 -12.10
C4 EFZ F . -19.18 20.35 -13.00
C5 EFZ F . -18.07 19.79 -13.63
C6 EFZ F . -16.81 20.27 -13.35
C7 EFZ F . -15.61 19.70 -14.04
C8 EFZ F . -15.80 18.26 -14.27
C9 EFZ F . -15.95 17.11 -14.45
C10 EFZ F . -16.16 15.66 -14.68
C11 EFZ F . -17.00 14.89 -13.66
C12 EFZ F . -17.56 15.20 -15.05
C13 EFZ F . -15.39 20.41 -15.38
C14 EFZ F . -14.28 21.10 -12.58
#